data_6DT0
#
_entry.id   6DT0
#
_cell.length_a   1
_cell.length_b   1
_cell.length_c   1
_cell.angle_alpha   90.00
_cell.angle_beta   90.00
_cell.angle_gamma   90.00
#
_symmetry.space_group_name_H-M   'P 1'
#
loop_
_entity.id
_entity.type
_entity.pdbx_description
1 polymer 'Mitochondrial calcium uniporter'
2 non-polymer 'CALCIUM ION'
#
_entity_poly.entity_id   1
_entity_poly.type   'polypeptide(L)'
_entity_poly.pdbx_seq_one_letter_code
;MASTSVSPKTRETEAEAKAKKLDQKRLDEHEEEVRAREQQVRRPWHREGADKPPVEGNADPIAKGKLLTTPTRLLKLILP
LPLRVEKDQKNNGRNNEYGRSISLNSDIQPLALLIHPQQPLSYVERLIQAELPPVVENGQEKIPNVYFRAEDSEQGDQKP
TSRAEARSKDDGGEPSEYNTNLSHVASASGLGHRGPKRSSQDKRWVRWSSSTEMGDFIRDAARGREFAIEIEGYNIEMRV
SVPSFGDRTYYMRQRLRKMSSEIDGLAKIKHECDLLAHRSAHRLAKGGFGLLAGWWGVVYYVTFHTEFGWDLVEPVTYLA
GLTTIMGGYLWFLYINKDLSYKAAMNVTVSRRQHALYEMKGFDIERWEQLVQDANALRREIRVIAVEYDVDWDETRDVGE
DVKDVLDEERSRRDDEHRSIEKEKDEKFTEDEKRKRKKDKESKETSGDSTNSHHHHHH
;
_entity_poly.pdbx_strand_id   A,B,C,D
#
loop_
_chem_comp.id
_chem_comp.type
_chem_comp.name
_chem_comp.formula
CA non-polymer 'CALCIUM ION' 'Ca 2'
#
# COMPACT_ATOMS: atom_id res chain seq x y z
N ALA A 63 -36.44 32.44 8.67
CA ALA A 63 -36.54 31.03 9.05
C ALA A 63 -35.63 30.18 8.19
N LYS A 64 -34.32 30.37 8.34
CA LYS A 64 -33.34 29.61 7.59
C LYS A 64 -31.96 29.88 8.15
N GLY A 65 -31.08 28.88 8.03
CA GLY A 65 -29.71 29.01 8.47
C GLY A 65 -28.78 28.20 7.61
N LYS A 66 -27.54 28.01 8.06
CA LYS A 66 -26.54 27.29 7.28
C LYS A 66 -25.34 27.03 8.16
N LEU A 67 -24.58 26.01 7.80
CA LEU A 67 -23.27 25.76 8.41
C LEU A 67 -22.19 25.91 7.36
N LEU A 68 -20.96 25.94 7.85
CA LEU A 68 -19.79 26.25 7.03
C LEU A 68 -18.65 25.34 7.44
N THR A 69 -17.74 25.13 6.51
CA THR A 69 -16.63 24.20 6.68
C THR A 69 -15.34 25.00 6.84
N THR A 70 -14.79 24.98 8.04
CA THR A 70 -13.45 25.50 8.27
C THR A 70 -12.42 24.46 7.80
N PRO A 71 -11.16 24.87 7.63
CA PRO A 71 -10.13 23.90 7.25
C PRO A 71 -9.62 23.05 8.39
N THR A 72 -10.16 23.19 9.60
CA THR A 72 -9.67 22.50 10.78
C THR A 72 -10.52 21.29 11.15
N ARG A 73 -11.26 20.74 10.19
CA ARG A 73 -12.11 19.57 10.42
C ARG A 73 -13.15 19.87 11.48
N LEU A 74 -13.62 21.12 11.51
CA LEU A 74 -14.72 21.54 12.35
C LEU A 74 -15.82 22.08 11.45
N LEU A 75 -16.93 22.45 12.07
CA LEU A 75 -18.07 23.01 11.37
C LEU A 75 -18.60 24.19 12.15
N LYS A 76 -18.81 25.29 11.45
CA LYS A 76 -19.28 26.53 12.05
C LYS A 76 -20.73 26.68 11.64
N LEU A 77 -21.63 26.31 12.55
CA LEU A 77 -23.06 26.43 12.34
C LEU A 77 -23.51 27.84 12.68
N ILE A 78 -24.39 28.39 11.84
CA ILE A 78 -24.94 29.72 12.03
C ILE A 78 -26.44 29.62 11.74
N LEU A 79 -27.26 30.02 12.71
CA LEU A 79 -28.70 29.86 12.59
C LEU A 79 -29.38 30.95 13.37
N PRO A 80 -30.67 31.24 13.09
CA PRO A 80 -31.41 32.22 13.88
C PRO A 80 -31.98 31.59 15.15
N LEU A 81 -31.54 32.08 16.32
CA LEU A 81 -31.98 31.61 17.62
C LEU A 81 -32.82 32.70 18.28
N PRO A 82 -34.11 32.83 17.92
CA PRO A 82 -34.92 33.89 18.53
C PRO A 82 -35.22 33.63 20.00
N ILE A 108 -29.13 40.47 17.04
CA ILE A 108 -28.42 40.95 15.86
C ILE A 108 -27.42 39.91 15.40
N GLN A 109 -26.59 39.44 16.32
CA GLN A 109 -25.61 38.41 16.03
C GLN A 109 -26.28 37.05 16.18
N PRO A 110 -26.59 36.32 15.09
CA PRO A 110 -27.32 35.06 15.26
C PRO A 110 -26.51 34.00 15.99
N LEU A 111 -27.13 32.85 16.25
CA LEU A 111 -26.50 31.80 17.03
C LEU A 111 -25.40 31.15 16.21
N ALA A 112 -24.17 31.22 16.73
CA ALA A 112 -22.99 30.66 16.10
C ALA A 112 -22.42 29.56 17.00
N LEU A 113 -22.09 28.42 16.40
CA LEU A 113 -21.66 27.24 17.15
C LEU A 113 -20.53 26.55 16.43
N LEU A 114 -19.53 26.10 17.19
CA LEU A 114 -18.44 25.30 16.69
C LEU A 114 -18.72 23.84 17.00
N ILE A 115 -18.51 22.97 16.02
CA ILE A 115 -18.81 21.55 16.14
C ILE A 115 -17.62 20.76 15.63
N HIS A 116 -17.35 19.64 16.29
CA HIS A 116 -16.49 18.59 15.78
C HIS A 116 -17.36 17.47 15.23
N PRO A 117 -17.04 16.83 14.10
CA PRO A 117 -18.02 15.94 13.46
C PRO A 117 -18.35 14.71 14.27
N GLN A 118 -17.38 14.16 15.01
CA GLN A 118 -17.61 12.95 15.78
C GLN A 118 -18.62 13.15 16.90
N GLN A 119 -18.90 14.40 17.29
CA GLN A 119 -19.87 14.65 18.34
C GLN A 119 -21.23 14.10 17.93
N PRO A 120 -22.07 13.71 18.90
CA PRO A 120 -23.44 13.32 18.57
C PRO A 120 -24.38 14.51 18.61
N LEU A 121 -25.58 14.29 18.10
CA LEU A 121 -26.59 15.34 18.04
C LEU A 121 -27.11 15.70 19.41
N SER A 122 -26.98 14.80 20.39
CA SER A 122 -27.43 15.12 21.75
C SER A 122 -26.63 16.27 22.33
N TYR A 123 -25.34 16.34 22.03
CA TYR A 123 -24.52 17.45 22.50
C TYR A 123 -24.97 18.74 21.85
N VAL A 124 -25.32 18.68 20.57
CA VAL A 124 -25.87 19.86 19.89
C VAL A 124 -27.17 20.28 20.55
N GLU A 125 -28.00 19.31 20.93
CA GLU A 125 -29.25 19.63 21.60
C GLU A 125 -29.00 20.36 22.91
N ARG A 126 -28.11 19.83 23.74
CA ARG A 126 -27.80 20.48 25.01
C ARG A 126 -27.17 21.85 24.79
N LEU A 127 -26.36 21.98 23.74
CA LEU A 127 -25.71 23.24 23.44
C LEU A 127 -26.73 24.30 23.05
N ILE A 128 -27.68 23.94 22.18
CA ILE A 128 -28.74 24.86 21.80
C ILE A 128 -29.60 25.22 23.00
N GLN A 129 -29.92 24.23 23.84
CA GLN A 129 -30.68 24.50 25.05
C GLN A 129 -29.96 25.52 25.92
N ALA A 130 -28.63 25.41 26.02
CA ALA A 130 -27.87 26.41 26.75
C ALA A 130 -27.96 27.77 26.07
N GLU A 131 -27.99 27.77 24.74
CA GLU A 131 -28.04 29.04 24.02
C GLU A 131 -29.43 29.66 24.08
N LEU A 132 -30.48 28.85 24.11
CA LEU A 132 -31.84 29.34 24.03
C LEU A 132 -32.34 29.80 25.39
N PRO A 133 -33.48 30.50 25.44
CA PRO A 133 -34.05 30.91 26.72
C PRO A 133 -34.93 29.82 27.31
N PRO A 134 -35.39 29.98 28.55
CA PRO A 134 -36.27 28.97 29.14
C PRO A 134 -37.66 28.98 28.52
N VAL A 135 -38.53 28.09 29.02
CA VAL A 135 -39.92 28.00 28.56
C VAL A 135 -40.86 28.35 29.71
N LYS A 142 -38.60 22.61 32.40
CA LYS A 142 -39.36 23.28 31.34
C LYS A 142 -38.45 23.59 30.15
N ILE A 143 -37.63 22.61 29.80
CA ILE A 143 -36.70 22.73 28.68
C ILE A 143 -37.35 22.06 27.48
N PRO A 144 -37.20 22.58 26.25
CA PRO A 144 -37.78 21.90 25.09
C PRO A 144 -36.88 20.76 24.60
N ASN A 145 -37.49 19.90 23.80
CA ASN A 145 -36.80 18.78 23.17
C ASN A 145 -36.70 19.05 21.67
N VAL A 146 -35.49 18.88 21.14
CA VAL A 146 -35.19 19.24 19.77
C VAL A 146 -35.23 17.99 18.90
N TYR A 147 -35.78 18.11 17.69
CA TYR A 147 -35.83 17.04 16.72
C TYR A 147 -35.07 17.49 15.48
N PHE A 148 -34.33 16.56 14.88
CA PHE A 148 -33.68 16.78 13.59
C PHE A 148 -34.33 15.87 12.56
N ARG A 149 -34.38 16.37 11.31
CA ARG A 149 -35.16 15.71 10.28
C ARG A 149 -34.53 15.92 8.92
N ALA A 150 -34.91 15.07 7.98
CA ALA A 150 -34.47 15.15 6.60
C ALA A 150 -35.66 15.09 5.65
N TRP A 205 -40.91 12.82 5.34
CA TRP A 205 -39.67 13.09 6.05
C TRP A 205 -39.41 12.06 7.14
N VAL A 206 -38.29 12.23 7.84
CA VAL A 206 -37.77 11.28 8.82
C VAL A 206 -37.39 12.05 10.06
N ARG A 207 -37.53 11.39 11.22
CA ARG A 207 -36.99 11.87 12.48
C ARG A 207 -35.76 11.04 12.80
N TRP A 208 -34.70 11.71 13.22
CA TRP A 208 -33.41 11.09 13.48
C TRP A 208 -33.14 11.03 14.97
N SER A 209 -32.16 10.21 15.34
CA SER A 209 -31.83 9.97 16.72
C SER A 209 -30.89 11.06 17.22
N SER A 210 -30.35 10.86 18.43
CA SER A 210 -29.52 11.84 19.11
C SER A 210 -28.09 11.38 19.33
N SER A 211 -27.72 10.19 18.82
CA SER A 211 -26.37 9.66 18.99
C SER A 211 -25.57 9.62 17.70
N THR A 212 -26.17 9.91 16.55
CA THR A 212 -25.46 9.84 15.29
C THR A 212 -24.37 10.90 15.23
N GLU A 213 -23.20 10.51 14.73
CA GLU A 213 -22.16 11.48 14.45
C GLU A 213 -22.64 12.44 13.38
N MET A 214 -22.13 13.67 13.45
CA MET A 214 -22.55 14.71 12.51
C MET A 214 -22.22 14.33 11.08
N GLY A 215 -21.00 13.82 10.86
CA GLY A 215 -20.55 13.57 9.50
C GLY A 215 -21.44 12.62 8.74
N ASP A 216 -21.85 11.52 9.39
CA ASP A 216 -22.72 10.55 8.72
C ASP A 216 -24.07 11.17 8.38
N PHE A 217 -24.60 11.99 9.30
CA PHE A 217 -25.88 12.63 9.06
C PHE A 217 -25.79 13.60 7.89
N ILE A 218 -24.69 14.34 7.80
CA ILE A 218 -24.50 15.28 6.71
C ILE A 218 -24.37 14.54 5.38
N ARG A 219 -23.56 13.48 5.35
CA ARG A 219 -23.42 12.65 4.16
C ARG A 219 -24.78 12.17 3.67
N ASP A 220 -25.60 11.63 4.57
CA ASP A 220 -26.89 11.10 4.16
C ASP A 220 -27.89 12.22 3.88
N ALA A 221 -27.60 13.44 4.31
CA ALA A 221 -28.49 14.57 4.05
C ALA A 221 -28.23 15.22 2.70
N ALA A 222 -26.99 15.17 2.21
CA ALA A 222 -26.59 15.98 1.06
C ALA A 222 -27.30 15.61 -0.23
N ARG A 223 -28.06 14.51 -0.26
CA ARG A 223 -28.85 14.20 -1.45
C ARG A 223 -29.98 15.20 -1.64
N GLY A 224 -30.34 15.97 -0.61
CA GLY A 224 -31.42 16.94 -0.67
C GLY A 224 -30.98 18.37 -0.47
N ARG A 225 -29.73 18.59 -0.06
CA ARG A 225 -29.09 19.89 0.10
C ARG A 225 -29.57 20.64 1.34
N GLU A 226 -30.49 20.10 2.12
CA GLU A 226 -30.97 20.80 3.31
C GLU A 226 -31.54 19.80 4.30
N PHE A 227 -31.43 20.13 5.59
CA PHE A 227 -32.03 19.35 6.66
C PHE A 227 -32.70 20.28 7.66
N ALA A 228 -33.67 19.73 8.39
CA ALA A 228 -34.63 20.53 9.12
C ALA A 228 -34.53 20.28 10.62
N ILE A 229 -35.01 21.26 11.37
CA ILE A 229 -35.10 21.19 12.83
C ILE A 229 -36.56 21.41 13.22
N GLU A 230 -36.97 20.77 14.31
CA GLU A 230 -38.30 20.91 14.88
C GLU A 230 -38.15 21.04 16.38
N ILE A 231 -38.34 22.25 16.88
CA ILE A 231 -38.30 22.50 18.32
C ILE A 231 -39.71 22.30 18.87
N GLU A 232 -39.79 21.76 20.08
CA GLU A 232 -41.10 21.44 20.66
C GLU A 232 -41.86 22.69 21.03
N GLY A 233 -41.17 23.71 21.54
CA GLY A 233 -41.83 24.89 22.08
C GLY A 233 -42.25 25.90 21.03
N TYR A 234 -41.30 26.39 20.24
CA TYR A 234 -41.55 27.56 19.40
C TYR A 234 -42.51 27.27 18.25
N ASN A 235 -42.71 26.00 17.89
CA ASN A 235 -43.60 25.65 16.79
C ASN A 235 -43.14 26.28 15.47
N ILE A 236 -41.84 26.48 15.31
CA ILE A 236 -41.25 27.08 14.12
C ILE A 236 -40.75 25.98 13.21
N GLU A 237 -40.93 26.17 11.90
CA GLU A 237 -40.27 25.34 10.89
C GLU A 237 -38.95 25.98 10.51
N MET A 238 -37.87 25.21 10.62
CA MET A 238 -36.52 25.69 10.33
C MET A 238 -35.81 24.70 9.44
N ARG A 239 -35.10 25.23 8.45
CA ARG A 239 -34.30 24.44 7.53
C ARG A 239 -32.91 25.05 7.45
N VAL A 240 -31.93 24.19 7.19
CA VAL A 240 -30.52 24.56 7.23
C VAL A 240 -29.83 23.92 6.04
N SER A 241 -28.82 24.60 5.53
CA SER A 241 -28.18 24.21 4.29
C SER A 241 -27.13 23.13 4.52
N VAL A 242 -27.13 22.12 3.66
CA VAL A 242 -26.12 21.08 3.68
C VAL A 242 -24.95 21.51 2.81
N PRO A 243 -23.70 21.47 3.28
CA PRO A 243 -22.58 21.71 2.39
C PRO A 243 -22.38 20.53 1.46
N SER A 244 -22.22 20.82 0.17
CA SER A 244 -21.94 19.79 -0.81
C SER A 244 -20.48 19.40 -0.70
N PHE A 245 -20.00 18.64 -1.69
CA PHE A 245 -18.59 18.33 -1.81
C PHE A 245 -17.72 19.58 -1.99
N GLY A 246 -18.32 20.72 -2.34
CA GLY A 246 -17.53 21.87 -2.76
C GLY A 246 -16.70 22.49 -1.66
N ASP A 247 -17.23 22.56 -0.44
CA ASP A 247 -16.52 23.28 0.63
C ASP A 247 -15.33 22.46 1.14
N ARG A 248 -15.57 21.19 1.45
CA ARG A 248 -14.50 20.28 1.80
C ARG A 248 -13.45 20.24 0.69
N THR A 249 -13.91 20.09 -0.55
CA THR A 249 -13.04 20.15 -1.70
C THR A 249 -12.24 21.45 -1.73
N TYR A 250 -12.86 22.56 -1.36
CA TYR A 250 -12.17 23.84 -1.39
C TYR A 250 -10.99 23.83 -0.42
N TYR A 251 -11.28 23.59 0.85
CA TYR A 251 -10.24 23.71 1.86
C TYR A 251 -9.24 22.56 1.83
N MET A 252 -9.46 21.53 1.00
CA MET A 252 -8.41 20.55 0.72
C MET A 252 -7.65 20.84 -0.57
N ARG A 253 -8.37 21.03 -1.68
CA ARG A 253 -7.78 21.34 -2.96
C ARG A 253 -6.85 22.54 -2.92
N GLN A 254 -7.12 23.51 -2.04
CA GLN A 254 -6.21 24.64 -1.95
C GLN A 254 -4.82 24.17 -1.51
N ARG A 255 -4.77 23.35 -0.46
CA ARG A 255 -3.51 22.75 -0.05
C ARG A 255 -2.91 21.92 -1.17
N LEU A 256 -3.75 21.17 -1.86
CA LEU A 256 -3.25 20.27 -2.90
C LEU A 256 -2.63 21.04 -4.05
N ARG A 257 -3.27 22.14 -4.46
CA ARG A 257 -2.74 22.95 -5.55
C ARG A 257 -1.44 23.62 -5.16
N LYS A 258 -1.36 24.12 -3.91
CA LYS A 258 -0.09 24.69 -3.45
C LYS A 258 1.02 23.64 -3.52
N MET A 259 0.74 22.44 -3.01
CA MET A 259 1.74 21.38 -3.02
C MET A 259 2.13 20.99 -4.44
N SER A 260 1.13 20.86 -5.33
CA SER A 260 1.40 20.43 -6.69
C SER A 260 2.21 21.46 -7.45
N SER A 261 1.93 22.75 -7.23
CA SER A 261 2.71 23.78 -7.91
C SER A 261 4.15 23.78 -7.42
N GLU A 262 4.35 23.65 -6.11
CA GLU A 262 5.71 23.54 -5.57
C GLU A 262 6.43 22.35 -6.17
N ILE A 263 5.75 21.21 -6.27
CA ILE A 263 6.36 20.01 -6.80
C ILE A 263 6.70 20.18 -8.28
N ASP A 264 5.84 20.88 -9.02
CA ASP A 264 6.11 21.14 -10.42
C ASP A 264 7.38 21.97 -10.57
N GLY A 265 7.55 23.00 -9.73
CA GLY A 265 8.77 23.78 -9.76
C GLY A 265 10.00 22.94 -9.46
N LEU A 266 9.92 22.12 -8.41
CA LEU A 266 11.06 21.30 -8.03
C LEU A 266 11.41 20.30 -9.13
N ALA A 267 10.40 19.71 -9.76
CA ALA A 267 10.64 18.76 -10.84
C ALA A 267 11.23 19.45 -12.05
N LYS A 268 10.83 20.69 -12.32
CA LYS A 268 11.46 21.45 -13.40
C LYS A 268 12.94 21.66 -13.12
N ILE A 269 13.29 21.97 -11.86
CA ILE A 269 14.69 22.14 -11.49
C ILE A 269 15.46 20.85 -11.71
N LYS A 270 14.90 19.73 -11.23
CA LYS A 270 15.56 18.44 -11.39
C LYS A 270 15.73 18.08 -12.86
N HIS A 271 14.72 18.40 -13.67
CA HIS A 271 14.79 18.18 -15.11
C HIS A 271 15.93 18.98 -15.72
N GLU A 272 16.08 20.23 -15.29
CA GLU A 272 17.14 21.09 -15.79
C GLU A 272 18.51 20.48 -15.50
N CYS A 273 18.73 20.04 -14.26
CA CYS A 273 20.04 19.51 -13.92
C CYS A 273 20.30 18.15 -14.58
N ASP A 274 19.25 17.35 -14.75
CA ASP A 274 19.39 16.11 -15.51
C ASP A 274 19.83 16.40 -16.94
N LEU A 275 19.21 17.41 -17.56
CA LEU A 275 19.63 17.84 -18.89
C LEU A 275 21.07 18.32 -18.88
N LEU A 276 21.49 18.99 -17.80
CA LEU A 276 22.86 19.48 -17.70
C LEU A 276 23.86 18.34 -17.82
N ALA A 277 23.67 17.28 -17.03
CA ALA A 277 24.58 16.13 -17.14
C ALA A 277 24.41 15.39 -18.47
N HIS A 278 23.17 15.29 -18.95
CA HIS A 278 22.88 14.55 -20.18
C HIS A 278 23.61 15.15 -21.37
N ARG A 279 23.67 16.48 -21.45
CA ARG A 279 24.33 17.12 -22.59
C ARG A 279 25.83 16.90 -22.55
N SER A 280 26.43 16.81 -21.36
CA SER A 280 27.84 16.46 -21.25
C SER A 280 28.08 15.08 -21.85
N ALA A 281 27.30 14.09 -21.41
CA ALA A 281 27.43 12.75 -21.98
C ALA A 281 27.21 12.75 -23.48
N HIS A 282 26.27 13.57 -23.96
CA HIS A 282 25.97 13.64 -25.38
C HIS A 282 27.16 14.18 -26.18
N ARG A 283 27.80 15.23 -25.67
CA ARG A 283 28.97 15.79 -26.34
C ARG A 283 30.10 14.77 -26.39
N LEU A 284 30.29 14.02 -25.30
CA LEU A 284 31.34 13.00 -25.31
C LEU A 284 31.05 11.92 -26.33
N ALA A 285 29.78 11.53 -26.48
CA ALA A 285 29.44 10.56 -27.50
C ALA A 285 29.62 11.12 -28.90
N LYS A 286 29.38 12.42 -29.09
CA LYS A 286 29.68 13.05 -30.37
C LYS A 286 31.16 12.94 -30.69
N GLY A 287 32.02 13.18 -29.70
CA GLY A 287 33.44 12.97 -29.90
C GLY A 287 33.76 11.54 -30.30
N GLY A 288 33.06 10.58 -29.68
CA GLY A 288 33.25 9.19 -30.07
C GLY A 288 32.90 8.93 -31.52
N PHE A 289 31.76 9.49 -31.97
CA PHE A 289 31.39 9.38 -33.38
C PHE A 289 32.47 9.96 -34.28
N GLY A 290 33.05 11.08 -33.86
CA GLY A 290 34.11 11.67 -34.66
C GLY A 290 35.32 10.77 -34.76
N LEU A 291 35.71 10.14 -33.65
CA LEU A 291 36.82 9.20 -33.67
C LEU A 291 36.53 8.03 -34.61
N LEU A 292 35.29 7.53 -34.57
CA LEU A 292 34.91 6.42 -35.42
C LEU A 292 35.06 6.78 -36.89
N ALA A 293 34.49 7.92 -37.28
CA ALA A 293 34.57 8.34 -38.68
C ALA A 293 36.01 8.61 -39.10
N GLY A 294 36.83 9.14 -38.18
CA GLY A 294 38.24 9.34 -38.48
C GLY A 294 38.94 8.02 -38.76
N TRP A 295 38.69 7.01 -37.94
CA TRP A 295 39.28 5.70 -38.16
C TRP A 295 38.83 5.12 -39.51
N TRP A 296 37.55 5.31 -39.84
CA TRP A 296 37.04 4.81 -41.12
C TRP A 296 37.77 5.44 -42.29
N GLY A 297 37.87 6.77 -42.28
CA GLY A 297 38.59 7.45 -43.36
C GLY A 297 40.05 7.05 -43.41
N VAL A 298 40.65 6.83 -42.24
CA VAL A 298 42.05 6.41 -42.18
C VAL A 298 42.23 5.09 -42.91
N VAL A 299 41.39 4.10 -42.58
CA VAL A 299 41.57 2.79 -43.19
C VAL A 299 41.24 2.84 -44.68
N TYR A 300 40.30 3.69 -45.08
CA TYR A 300 40.01 3.82 -46.51
C TYR A 300 41.20 4.39 -47.26
N TYR A 301 41.83 5.42 -46.69
CA TYR A 301 43.02 6.02 -47.30
C TYR A 301 44.14 5.01 -47.40
N VAL A 302 44.39 4.27 -46.31
CA VAL A 302 45.50 3.33 -46.32
C VAL A 302 45.21 2.16 -47.23
N THR A 303 43.93 1.85 -47.46
CA THR A 303 43.59 0.78 -48.40
C THR A 303 43.86 1.21 -49.83
N PHE A 304 43.19 2.27 -50.26
CA PHE A 304 43.21 2.63 -51.68
C PHE A 304 44.33 3.59 -52.01
N HIS A 305 44.51 4.62 -51.20
CA HIS A 305 45.56 5.61 -51.39
C HIS A 305 46.82 5.25 -50.60
N THR A 306 47.31 4.03 -50.80
CA THR A 306 48.52 3.59 -50.12
C THR A 306 49.03 2.32 -50.79
N GLU A 307 50.34 2.11 -50.70
CA GLU A 307 50.99 0.95 -51.30
C GLU A 307 51.15 -0.21 -50.32
N PHE A 308 50.88 0.00 -49.04
CA PHE A 308 50.99 -1.08 -48.07
C PHE A 308 50.01 -2.21 -48.40
N GLY A 309 48.77 -1.86 -48.74
CA GLY A 309 47.76 -2.83 -49.05
C GLY A 309 47.10 -3.40 -47.82
N TRP A 310 46.05 -4.19 -48.07
CA TRP A 310 45.24 -4.77 -47.00
C TRP A 310 46.06 -5.65 -46.07
N ASP A 311 47.19 -6.20 -46.54
CA ASP A 311 47.95 -7.16 -45.75
C ASP A 311 48.43 -6.54 -44.43
N LEU A 312 48.84 -5.28 -44.47
CA LEU A 312 49.28 -4.56 -43.28
C LEU A 312 48.14 -3.86 -42.55
N VAL A 313 46.90 -4.06 -42.98
CA VAL A 313 45.74 -3.32 -42.48
C VAL A 313 44.97 -4.18 -41.50
N GLU A 314 44.50 -5.33 -41.99
CA GLU A 314 43.74 -6.28 -41.18
C GLU A 314 44.37 -6.59 -39.83
N PRO A 315 45.67 -6.88 -39.72
CA PRO A 315 46.21 -7.16 -38.37
C PRO A 315 46.09 -5.99 -37.43
N VAL A 316 46.57 -4.82 -37.85
CA VAL A 316 46.65 -3.67 -36.95
C VAL A 316 45.28 -3.34 -36.38
N THR A 317 44.30 -3.14 -37.27
CA THR A 317 42.95 -2.80 -36.84
C THR A 317 42.41 -3.86 -35.89
N TYR A 318 42.71 -5.13 -36.14
CA TYR A 318 42.26 -6.18 -35.24
C TYR A 318 42.82 -5.93 -33.85
N LEU A 319 44.14 -5.77 -33.76
CA LEU A 319 44.78 -5.38 -32.51
C LEU A 319 44.11 -4.14 -31.95
N ALA A 320 43.88 -3.15 -32.83
CA ALA A 320 43.24 -1.91 -32.39
C ALA A 320 41.89 -2.20 -31.77
N GLY A 321 41.07 -3.01 -32.46
CA GLY A 321 39.77 -3.38 -31.91
C GLY A 321 39.91 -4.03 -30.55
N LEU A 322 40.85 -4.97 -30.43
CA LEU A 322 41.11 -5.61 -29.15
C LEU A 322 41.45 -4.58 -28.09
N THR A 323 42.34 -3.64 -28.44
CA THR A 323 42.73 -2.61 -27.50
C THR A 323 41.52 -1.81 -27.04
N THR A 324 40.61 -1.50 -27.98
CA THR A 324 39.40 -0.78 -27.60
C THR A 324 38.64 -1.54 -26.53
N ILE A 325 38.42 -2.84 -26.77
CA ILE A 325 37.78 -3.68 -25.77
C ILE A 325 38.57 -3.60 -24.47
N MET A 326 39.89 -3.79 -24.58
CA MET A 326 40.76 -3.69 -23.41
C MET A 326 40.54 -2.37 -22.70
N GLY A 327 40.55 -1.28 -23.46
CA GLY A 327 40.29 0.02 -22.87
C GLY A 327 38.96 0.05 -22.15
N GLY A 328 37.89 -0.34 -22.86
CA GLY A 328 36.58 -0.39 -22.25
C GLY A 328 36.58 -1.31 -21.04
N TYR A 329 37.28 -2.44 -21.16
CA TYR A 329 37.37 -3.38 -20.06
C TYR A 329 38.00 -2.70 -18.85
N LEU A 330 39.13 -2.02 -19.08
CA LEU A 330 39.80 -1.31 -18.00
C LEU A 330 38.87 -0.30 -17.36
N TRP A 331 38.02 0.34 -18.16
CA TRP A 331 37.11 1.34 -17.62
C TRP A 331 36.23 0.72 -16.55
N PHE A 332 35.62 -0.43 -16.86
CA PHE A 332 34.81 -1.11 -15.86
C PHE A 332 35.67 -1.56 -14.70
N LEU A 333 36.89 -2.02 -15.00
CA LEU A 333 37.81 -2.43 -13.95
C LEU A 333 38.23 -1.26 -13.08
N TYR A 334 38.08 -0.03 -13.57
CA TYR A 334 38.38 1.14 -12.76
C TYR A 334 37.18 1.56 -11.92
N ILE A 335 35.97 1.12 -12.28
CA ILE A 335 34.79 1.49 -11.51
C ILE A 335 34.83 0.80 -10.14
N ASN A 336 34.80 -0.53 -10.15
CA ASN A 336 34.71 -1.30 -8.92
C ASN A 336 36.09 -1.71 -8.41
N ARG A 351 26.07 8.53 -7.89
CA ARG A 351 27.22 8.94 -7.09
C ARG A 351 27.69 10.34 -7.46
N ARG A 352 27.54 10.70 -8.74
CA ARG A 352 28.00 11.98 -9.23
C ARG A 352 26.91 13.05 -9.17
N GLN A 353 25.67 12.68 -9.51
CA GLN A 353 24.58 13.65 -9.49
C GLN A 353 24.19 14.03 -8.08
N HIS A 354 24.43 13.16 -7.10
CA HIS A 354 24.30 13.53 -5.70
C HIS A 354 25.11 14.79 -5.41
N ALA A 355 26.36 14.81 -5.88
CA ALA A 355 27.21 15.98 -5.68
C ALA A 355 26.70 17.18 -6.46
N LEU A 356 26.18 16.97 -7.66
CA LEU A 356 25.66 18.09 -8.45
C LEU A 356 24.47 18.74 -7.77
N TYR A 357 23.64 17.93 -7.10
CA TYR A 357 22.51 18.49 -6.36
C TYR A 357 22.96 19.12 -5.05
N GLU A 358 23.95 18.51 -4.38
CA GLU A 358 24.51 19.12 -3.18
C GLU A 358 25.10 20.49 -3.48
N MET A 359 25.69 20.65 -4.67
CA MET A 359 26.19 21.96 -5.09
C MET A 359 25.05 22.87 -5.54
N LYS A 360 24.01 22.29 -6.15
CA LYS A 360 22.86 23.08 -6.56
C LYS A 360 22.02 23.50 -5.36
N GLY A 361 22.01 22.68 -4.31
CA GLY A 361 21.22 22.96 -3.13
C GLY A 361 19.78 22.48 -3.26
N PHE A 362 19.61 21.25 -3.72
CA PHE A 362 18.30 20.65 -3.92
C PHE A 362 17.98 19.71 -2.76
N ASP A 363 16.69 19.56 -2.48
CA ASP A 363 16.19 18.76 -1.38
C ASP A 363 15.38 17.60 -1.95
N ILE A 364 15.85 16.38 -1.72
CA ILE A 364 15.20 15.19 -2.25
C ILE A 364 14.22 14.59 -1.25
N GLU A 365 14.62 14.53 0.02
CA GLU A 365 13.72 14.03 1.06
C GLU A 365 12.47 14.91 1.14
N ARG A 366 12.66 16.22 1.13
CA ARG A 366 11.53 17.15 1.12
C ARG A 366 10.64 16.92 -0.09
N TRP A 367 11.27 16.76 -1.26
CA TRP A 367 10.51 16.54 -2.50
C TRP A 367 9.64 15.28 -2.39
N GLU A 368 10.25 14.18 -1.96
CA GLU A 368 9.51 12.93 -1.86
C GLU A 368 8.40 13.03 -0.82
N GLN A 369 8.67 13.75 0.28
CA GLN A 369 7.64 13.94 1.30
C GLN A 369 6.46 14.72 0.74
N LEU A 370 6.74 15.79 -0.01
CA LEU A 370 5.68 16.55 -0.66
C LEU A 370 4.86 15.65 -1.57
N VAL A 371 5.53 14.83 -2.37
CA VAL A 371 4.84 13.97 -3.34
C VAL A 371 3.92 13.00 -2.60
N GLN A 372 4.44 12.36 -1.55
CA GLN A 372 3.64 11.35 -0.88
C GLN A 372 2.49 11.98 -0.11
N ASP A 373 2.71 13.15 0.49
CA ASP A 373 1.62 13.85 1.16
C ASP A 373 0.53 14.22 0.17
N ALA A 374 0.93 14.71 -1.01
CA ALA A 374 -0.03 15.05 -2.05
C ALA A 374 -0.85 13.83 -2.45
N ASN A 375 -0.19 12.69 -2.65
CA ASN A 375 -0.91 11.50 -3.08
C ASN A 375 -1.88 11.03 -2.00
N ALA A 376 -1.44 11.04 -0.74
CA ALA A 376 -2.33 10.62 0.34
C ALA A 376 -3.53 11.55 0.45
N LEU A 377 -3.32 12.84 0.25
CA LEU A 377 -4.42 13.79 0.34
C LEU A 377 -5.38 13.64 -0.83
N ARG A 378 -4.85 13.33 -2.02
CA ARG A 378 -5.71 12.97 -3.15
C ARG A 378 -6.57 11.77 -2.81
N ARG A 379 -5.98 10.76 -2.17
CA ARG A 379 -6.74 9.57 -1.83
C ARG A 379 -7.84 9.90 -0.82
N GLU A 380 -7.54 10.76 0.16
CA GLU A 380 -8.55 11.18 1.11
C GLU A 380 -9.70 11.90 0.40
N ILE A 381 -9.35 12.81 -0.52
CA ILE A 381 -10.37 13.52 -1.29
C ILE A 381 -11.23 12.55 -2.06
N ARG A 382 -10.61 11.57 -2.69
CA ARG A 382 -11.38 10.64 -3.53
C ARG A 382 -12.25 9.74 -2.67
N VAL A 383 -11.79 9.40 -1.48
CA VAL A 383 -12.63 8.63 -0.55
C VAL A 383 -13.89 9.41 -0.21
N ILE A 384 -13.71 10.65 0.27
CA ILE A 384 -14.89 11.44 0.63
C ILE A 384 -15.74 11.78 -0.59
N ALA A 385 -15.14 11.76 -1.79
CA ALA A 385 -15.91 11.91 -3.01
C ALA A 385 -16.78 10.69 -3.27
N VAL A 386 -16.27 9.51 -2.93
CA VAL A 386 -17.09 8.31 -3.01
C VAL A 386 -18.22 8.38 -1.99
N GLU A 387 -17.93 8.93 -0.81
CA GLU A 387 -18.96 9.07 0.21
C GLU A 387 -20.10 9.95 -0.30
N TYR A 388 -19.77 11.10 -0.85
CA TYR A 388 -20.70 11.94 -1.60
C TYR A 388 -20.77 11.42 -3.03
N ASP A 389 -21.28 12.22 -3.96
CA ASP A 389 -21.24 11.86 -5.37
C ASP A 389 -19.81 11.78 -5.90
N VAL A 390 -19.60 10.84 -6.82
CA VAL A 390 -18.32 10.55 -7.45
C VAL A 390 -18.02 11.50 -8.59
N ASP A 391 -16.86 11.34 -9.21
CA ASP A 391 -16.45 12.10 -10.38
C ASP A 391 -16.14 13.56 -10.06
N TRP A 392 -15.10 13.76 -9.25
CA TRP A 392 -14.62 15.09 -8.89
C TRP A 392 -13.61 15.66 -9.88
N ASP A 393 -13.13 14.86 -10.84
CA ASP A 393 -12.42 15.37 -12.03
C ASP A 393 -11.17 16.17 -11.64
N GLU A 394 -10.19 15.44 -11.11
CA GLU A 394 -8.95 16.06 -10.66
C GLU A 394 -8.26 16.82 -11.79
N THR A 395 -8.24 16.25 -12.99
CA THR A 395 -7.54 16.88 -14.10
C THR A 395 -8.20 18.18 -14.52
N ARG A 396 -9.53 18.26 -14.42
CA ARG A 396 -10.25 19.46 -14.81
C ARG A 396 -9.96 20.60 -13.85
N ASP A 397 -10.29 20.42 -12.58
CA ASP A 397 -10.09 21.46 -11.58
C ASP A 397 -8.66 21.44 -11.07
N ALA B 63 -46.59 0.23 10.02
CA ALA B 63 -46.68 -1.21 10.21
C ALA B 63 -45.35 -1.87 9.89
N LYS B 64 -44.72 -1.42 8.81
CA LYS B 64 -43.45 -1.96 8.34
C LYS B 64 -42.34 -0.92 8.51
N GLY B 65 -41.11 -1.42 8.47
CA GLY B 65 -39.93 -0.59 8.51
C GLY B 65 -39.03 -0.90 7.33
N LYS B 66 -37.79 -0.43 7.35
CA LYS B 66 -36.90 -0.66 6.23
C LYS B 66 -35.45 -0.64 6.69
N LEU B 67 -34.61 -1.28 5.88
CA LEU B 67 -33.18 -1.20 5.99
C LEU B 67 -32.63 -0.81 4.63
N LEU B 68 -31.60 0.03 4.62
CA LEU B 68 -31.10 0.62 3.39
C LEU B 68 -29.58 0.63 3.42
N THR B 69 -28.99 0.67 2.24
CA THR B 69 -27.55 0.65 2.06
C THR B 69 -27.05 2.04 1.73
N THR B 70 -25.92 2.39 2.28
CA THR B 70 -25.20 3.62 2.02
C THR B 70 -23.95 3.32 1.23
N PRO B 71 -23.34 4.33 0.60
CA PRO B 71 -22.08 4.07 -0.10
C PRO B 71 -20.92 3.83 0.84
N THR B 72 -20.99 4.34 2.06
CA THR B 72 -19.85 4.30 2.99
C THR B 72 -19.87 3.09 3.90
N ARG B 73 -20.18 1.91 3.34
CA ARG B 73 -20.30 0.64 4.06
C ARG B 73 -20.90 0.77 5.46
N LEU B 74 -21.91 1.62 5.60
CA LEU B 74 -22.74 1.73 6.78
C LEU B 74 -24.17 1.45 6.36
N LEU B 75 -24.98 1.01 7.32
CA LEU B 75 -26.36 0.64 7.05
C LEU B 75 -27.29 1.66 7.69
N LYS B 76 -28.39 1.91 7.01
CA LYS B 76 -29.32 2.98 7.34
C LYS B 76 -30.64 2.30 7.70
N LEU B 77 -30.88 2.17 9.00
CA LEU B 77 -32.09 1.54 9.50
C LEU B 77 -33.17 2.60 9.64
N ILE B 78 -34.41 2.22 9.36
CA ILE B 78 -35.56 3.11 9.46
C ILE B 78 -36.69 2.31 10.10
N LEU B 79 -37.33 2.88 11.12
CA LEU B 79 -38.27 2.15 11.96
C LEU B 79 -39.54 2.97 12.19
N PRO B 80 -40.74 2.36 12.10
CA PRO B 80 -41.94 3.12 12.49
C PRO B 80 -42.08 3.19 14.01
N LEU B 81 -41.23 3.99 14.61
CA LEU B 81 -41.13 4.12 16.05
C LEU B 81 -41.78 5.43 16.49
N PRO B 82 -42.40 5.52 17.69
CA PRO B 82 -42.91 6.83 18.09
C PRO B 82 -41.79 7.81 18.44
N ILE B 108 -45.50 6.96 14.80
CA ILE B 108 -45.90 7.53 13.53
C ILE B 108 -44.69 8.15 12.82
N GLN B 109 -44.05 9.09 13.50
CA GLN B 109 -42.85 9.73 12.96
C GLN B 109 -41.68 8.76 13.08
N PRO B 110 -41.20 8.15 12.00
CA PRO B 110 -40.22 7.07 12.14
C PRO B 110 -38.87 7.56 12.63
N LEU B 111 -38.16 6.65 13.29
CA LEU B 111 -36.78 6.87 13.70
C LEU B 111 -35.86 6.33 12.62
N ALA B 112 -34.63 6.83 12.62
CA ALA B 112 -33.64 6.42 11.63
C ALA B 112 -32.26 6.44 12.24
N LEU B 113 -31.48 5.41 11.91
CA LEU B 113 -30.23 5.13 12.58
C LEU B 113 -29.18 4.74 11.54
N LEU B 114 -27.93 4.95 11.92
CA LEU B 114 -26.79 4.51 11.12
C LEU B 114 -25.95 3.55 11.94
N ILE B 115 -25.64 2.39 11.34
CA ILE B 115 -25.00 1.28 12.02
C ILE B 115 -23.80 0.86 11.20
N HIS B 116 -22.67 0.72 11.85
CA HIS B 116 -21.50 0.15 11.21
C HIS B 116 -21.61 -1.38 11.27
N PRO B 117 -21.32 -2.10 10.17
CA PRO B 117 -21.71 -3.50 10.11
C PRO B 117 -21.03 -4.36 11.14
N GLN B 118 -19.79 -4.03 11.49
CA GLN B 118 -19.05 -4.77 12.50
C GLN B 118 -19.56 -4.51 13.91
N GLN B 119 -20.45 -3.55 14.10
CA GLN B 119 -21.01 -3.34 15.43
C GLN B 119 -21.97 -4.47 15.78
N PRO B 120 -22.19 -4.72 17.06
CA PRO B 120 -23.19 -5.71 17.46
C PRO B 120 -24.56 -5.09 17.64
N LEU B 121 -25.57 -5.97 17.68
CA LEU B 121 -26.93 -5.53 17.83
C LEU B 121 -27.21 -4.90 19.18
N SER B 122 -26.36 -5.13 20.17
CA SER B 122 -26.57 -4.51 21.47
C SER B 122 -26.45 -3.01 21.40
N TYR B 123 -25.65 -2.51 20.45
CA TYR B 123 -25.62 -1.08 20.16
C TYR B 123 -27.02 -0.59 19.80
N VAL B 124 -27.69 -1.32 18.91
CA VAL B 124 -29.03 -0.96 18.48
C VAL B 124 -30.01 -1.06 19.65
N GLU B 125 -29.86 -2.10 20.47
CA GLU B 125 -30.75 -2.28 21.61
C GLU B 125 -30.62 -1.11 22.58
N ARG B 126 -29.38 -0.75 22.92
CA ARG B 126 -29.13 0.38 23.80
C ARG B 126 -29.72 1.65 23.20
N LEU B 127 -29.53 1.85 21.90
CA LEU B 127 -29.95 3.09 21.28
C LEU B 127 -31.46 3.20 21.19
N ILE B 128 -32.15 2.09 20.94
CA ILE B 128 -33.61 2.13 20.89
C ILE B 128 -34.18 2.24 22.29
N GLN B 129 -33.54 1.62 23.29
CA GLN B 129 -33.89 1.89 24.67
C GLN B 129 -33.83 3.36 24.98
N ALA B 130 -32.77 4.03 24.51
CA ALA B 130 -32.69 5.48 24.67
C ALA B 130 -33.80 6.19 23.90
N GLU B 131 -34.20 5.63 22.77
CA GLU B 131 -35.27 6.22 21.97
C GLU B 131 -36.66 5.88 22.48
N LEU B 132 -36.80 4.75 23.18
CA LEU B 132 -38.10 4.31 23.65
C LEU B 132 -38.41 4.89 25.03
N PRO B 133 -39.64 4.78 25.50
CA PRO B 133 -39.98 5.30 26.82
C PRO B 133 -39.65 4.29 27.90
N PRO B 134 -39.73 4.68 29.18
CA PRO B 134 -39.46 3.72 30.25
C PRO B 134 -40.65 2.81 30.49
N VAL B 135 -40.42 1.81 31.35
CA VAL B 135 -41.43 0.83 31.69
C VAL B 135 -40.93 -0.09 32.78
N LYS B 142 -36.40 -0.01 35.37
CA LYS B 142 -37.63 -0.17 34.58
C LYS B 142 -37.35 0.11 33.12
N ILE B 143 -36.38 -0.62 32.56
CA ILE B 143 -35.94 -0.43 31.18
C ILE B 143 -36.54 -1.54 30.33
N PRO B 144 -36.97 -1.30 29.09
CA PRO B 144 -37.49 -2.40 28.27
C PRO B 144 -36.40 -3.35 27.85
N ASN B 145 -36.85 -4.43 27.17
CA ASN B 145 -36.01 -5.52 26.61
C ASN B 145 -36.29 -5.58 25.11
N VAL B 146 -35.31 -6.03 24.33
CA VAL B 146 -35.41 -6.09 22.87
C VAL B 146 -34.95 -7.46 22.40
N TYR B 147 -35.55 -7.92 21.30
CA TYR B 147 -35.20 -9.19 20.69
C TYR B 147 -35.23 -9.03 19.17
N PHE B 148 -34.19 -9.53 18.51
CA PHE B 148 -34.13 -9.58 17.05
C PHE B 148 -34.39 -11.00 16.59
N ARG B 149 -35.14 -11.16 15.50
CA ARG B 149 -35.62 -12.46 15.06
C ARG B 149 -35.53 -12.60 13.55
N ALA B 150 -35.10 -13.78 13.10
CA ALA B 150 -35.09 -14.12 11.68
C ALA B 150 -36.46 -14.60 11.24
N TRP B 205 -38.51 -19.96 12.84
CA TRP B 205 -38.58 -18.61 13.36
C TRP B 205 -37.85 -18.53 14.69
N VAL B 206 -36.73 -17.81 14.70
CA VAL B 206 -35.76 -17.86 15.78
C VAL B 206 -35.47 -16.44 16.22
N ARG B 207 -34.92 -16.31 17.43
CA ARG B 207 -34.36 -15.07 17.93
C ARG B 207 -32.85 -15.24 18.11
N TRP B 208 -32.11 -14.19 17.75
CA TRP B 208 -30.65 -14.21 17.81
C TRP B 208 -30.16 -13.50 19.07
N SER B 209 -28.87 -13.62 19.31
CA SER B 209 -28.26 -13.00 20.47
C SER B 209 -27.87 -11.56 20.16
N SER B 210 -27.63 -10.79 21.22
CA SER B 210 -27.31 -9.38 21.08
C SER B 210 -25.83 -9.13 20.80
N SER B 211 -25.01 -10.18 20.69
CA SER B 211 -23.58 -10.05 20.47
C SER B 211 -23.14 -10.59 19.11
N THR B 212 -24.06 -10.64 18.14
CA THR B 212 -23.73 -10.99 16.77
C THR B 212 -23.43 -9.73 15.98
N GLU B 213 -22.45 -9.83 15.09
CA GLU B 213 -22.20 -8.73 14.18
C GLU B 213 -23.33 -8.65 13.15
N MET B 214 -23.57 -7.43 12.68
CA MET B 214 -24.72 -7.16 11.82
C MET B 214 -24.66 -7.96 10.53
N GLY B 215 -23.46 -8.25 10.05
CA GLY B 215 -23.31 -8.90 8.75
C GLY B 215 -23.93 -10.28 8.71
N ASP B 216 -23.63 -11.11 9.71
CA ASP B 216 -24.15 -12.47 9.73
C ASP B 216 -25.66 -12.47 9.89
N PHE B 217 -26.18 -11.57 10.73
CA PHE B 217 -27.62 -11.44 10.89
C PHE B 217 -28.27 -11.09 9.57
N ILE B 218 -27.62 -10.25 8.76
CA ILE B 218 -28.22 -9.86 7.49
C ILE B 218 -28.12 -10.98 6.47
N ARG B 219 -27.03 -11.73 6.48
CA ARG B 219 -26.94 -12.94 5.65
C ARG B 219 -28.12 -13.86 5.93
N ASP B 220 -28.38 -14.10 7.21
CA ASP B 220 -29.48 -14.98 7.58
C ASP B 220 -30.83 -14.38 7.17
N ALA B 221 -31.01 -13.08 7.38
CA ALA B 221 -32.28 -12.46 7.05
C ALA B 221 -32.51 -12.40 5.55
N ALA B 222 -31.43 -12.32 4.77
CA ALA B 222 -31.56 -12.38 3.32
C ALA B 222 -31.88 -13.79 2.88
N ARG B 223 -31.38 -14.78 3.61
CA ARG B 223 -31.89 -16.14 3.47
C ARG B 223 -33.39 -16.16 3.70
N GLY B 224 -33.88 -15.35 4.63
CA GLY B 224 -35.30 -15.21 4.88
C GLY B 224 -35.97 -14.06 4.15
N ARG B 225 -35.17 -13.12 3.63
CA ARG B 225 -35.63 -11.95 2.88
C ARG B 225 -36.29 -10.90 3.76
N GLU B 226 -36.33 -11.09 5.08
CA GLU B 226 -36.89 -10.10 6.00
C GLU B 226 -36.66 -10.57 7.42
N PHE B 227 -36.49 -9.64 8.37
CA PHE B 227 -36.34 -10.00 9.78
C PHE B 227 -37.36 -9.22 10.59
N ALA B 228 -37.26 -9.30 11.92
CA ALA B 228 -38.27 -8.68 12.75
C ALA B 228 -37.72 -8.41 14.15
N ILE B 229 -38.50 -7.65 14.90
CA ILE B 229 -38.14 -7.19 16.23
C ILE B 229 -39.30 -7.45 17.18
N GLU B 230 -38.99 -7.83 18.41
CA GLU B 230 -39.96 -8.00 19.47
C GLU B 230 -39.51 -7.18 20.67
N ILE B 231 -40.48 -6.58 21.36
CA ILE B 231 -40.23 -5.72 22.51
C ILE B 231 -41.14 -6.18 23.64
N GLU B 232 -40.65 -6.02 24.88
CA GLU B 232 -41.37 -6.55 26.04
C GLU B 232 -42.72 -5.88 26.21
N GLY B 233 -42.79 -4.58 25.98
CA GLY B 233 -44.00 -3.84 26.31
C GLY B 233 -45.01 -3.82 25.19
N TYR B 234 -44.60 -3.38 23.99
CA TYR B 234 -45.56 -3.10 22.93
C TYR B 234 -46.23 -4.36 22.42
N ASN B 235 -45.56 -5.51 22.55
CA ASN B 235 -46.17 -6.80 22.23
C ASN B 235 -46.59 -6.87 20.76
N ILE B 236 -45.83 -6.21 19.89
CA ILE B 236 -46.07 -6.21 18.46
C ILE B 236 -44.78 -6.56 17.74
N GLU B 237 -44.86 -7.46 16.77
CA GLU B 237 -43.70 -7.89 16.00
C GLU B 237 -43.50 -6.92 14.86
N MET B 238 -42.41 -6.15 14.92
CA MET B 238 -42.09 -5.16 13.90
C MET B 238 -41.21 -5.82 12.86
N ARG B 239 -41.79 -6.14 11.70
CA ARG B 239 -41.02 -6.72 10.61
C ARG B 239 -40.31 -5.62 9.84
N VAL B 240 -39.17 -5.98 9.26
CA VAL B 240 -38.32 -5.04 8.53
C VAL B 240 -37.74 -5.77 7.33
N SER B 241 -37.68 -5.06 6.20
CA SER B 241 -37.14 -5.59 4.97
C SER B 241 -35.62 -5.48 4.97
N VAL B 242 -35.00 -6.17 4.03
CA VAL B 242 -33.55 -6.31 3.99
C VAL B 242 -33.10 -6.08 2.54
N PRO B 243 -31.94 -5.48 2.30
CA PRO B 243 -31.47 -5.38 0.92
C PRO B 243 -31.08 -6.73 0.37
N SER B 244 -31.34 -6.92 -0.93
CA SER B 244 -30.84 -8.08 -1.63
C SER B 244 -29.37 -7.88 -1.97
N PHE B 245 -28.83 -8.79 -2.78
CA PHE B 245 -27.46 -8.65 -3.24
C PHE B 245 -27.27 -7.36 -4.03
N GLY B 246 -28.04 -7.22 -5.11
CA GLY B 246 -27.93 -6.02 -5.92
C GLY B 246 -28.30 -4.76 -5.14
N ASP B 247 -29.22 -4.88 -4.19
CA ASP B 247 -29.60 -3.75 -3.37
C ASP B 247 -28.42 -3.22 -2.57
N ARG B 248 -27.45 -4.10 -2.26
CA ARG B 248 -26.24 -3.67 -1.59
C ARG B 248 -25.16 -3.24 -2.58
N THR B 249 -25.01 -3.98 -3.68
CA THR B 249 -23.93 -3.73 -4.62
C THR B 249 -24.28 -2.65 -5.65
N TYR B 250 -25.41 -1.95 -5.50
CA TYR B 250 -25.83 -0.98 -6.51
C TYR B 250 -24.79 0.11 -6.75
N TYR B 251 -24.39 0.81 -5.68
CA TYR B 251 -23.45 1.92 -5.83
C TYR B 251 -22.10 1.43 -6.33
N MET B 252 -21.65 0.29 -5.81
CA MET B 252 -20.36 -0.26 -6.22
C MET B 252 -20.36 -0.62 -7.69
N ARG B 253 -21.43 -1.26 -8.16
CA ARG B 253 -21.52 -1.62 -9.56
C ARG B 253 -21.67 -0.40 -10.45
N GLN B 254 -22.32 0.65 -9.98
CA GLN B 254 -22.41 1.88 -10.77
C GLN B 254 -21.02 2.49 -10.95
N ARG B 255 -20.26 2.57 -9.86
CA ARG B 255 -18.87 3.03 -9.96
C ARG B 255 -18.09 2.17 -10.94
N LEU B 256 -18.28 0.85 -10.87
CA LEU B 256 -17.58 -0.05 -11.77
C LEU B 256 -17.94 0.21 -13.22
N ARG B 257 -19.22 0.44 -13.51
CA ARG B 257 -19.63 0.66 -14.89
C ARG B 257 -19.02 1.94 -15.44
N LYS B 258 -19.02 3.00 -14.65
CA LYS B 258 -18.41 4.25 -15.10
C LYS B 258 -16.92 4.05 -15.39
N MET B 259 -16.21 3.48 -14.41
CA MET B 259 -14.78 3.28 -14.55
C MET B 259 -14.46 2.38 -15.75
N SER B 260 -15.31 1.39 -15.99
CA SER B 260 -15.06 0.41 -17.04
C SER B 260 -15.32 1.01 -18.43
N SER B 261 -16.34 1.86 -18.56
CA SER B 261 -16.55 2.54 -19.83
C SER B 261 -15.36 3.45 -20.15
N GLU B 262 -14.88 4.19 -19.14
CA GLU B 262 -13.70 5.02 -19.35
C GLU B 262 -12.51 4.16 -19.78
N ILE B 263 -12.31 3.03 -19.11
CA ILE B 263 -11.20 2.15 -19.44
C ILE B 263 -11.35 1.56 -20.83
N ASP B 264 -12.59 1.31 -21.26
CA ASP B 264 -12.80 0.80 -22.61
C ASP B 264 -12.38 1.82 -23.65
N GLY B 265 -12.72 3.09 -23.42
CA GLY B 265 -12.25 4.13 -24.32
C GLY B 265 -10.73 4.21 -24.37
N LEU B 266 -10.10 4.19 -23.19
CA LEU B 266 -8.64 4.22 -23.14
C LEU B 266 -8.03 3.02 -23.85
N ALA B 267 -8.69 1.86 -23.75
CA ALA B 267 -8.16 0.65 -24.39
C ALA B 267 -8.27 0.74 -25.90
N LYS B 268 -9.36 1.32 -26.41
CA LYS B 268 -9.45 1.58 -27.84
C LYS B 268 -8.30 2.45 -28.31
N ILE B 269 -8.03 3.54 -27.58
CA ILE B 269 -6.92 4.42 -27.92
C ILE B 269 -5.61 3.66 -27.97
N LYS B 270 -5.30 2.93 -26.89
CA LYS B 270 -4.02 2.25 -26.79
C LYS B 270 -3.87 1.21 -27.88
N HIS B 271 -4.92 0.43 -28.14
CA HIS B 271 -4.85 -0.62 -29.14
C HIS B 271 -4.59 -0.03 -30.53
N GLU B 272 -5.30 1.05 -30.88
CA GLU B 272 -5.12 1.64 -32.20
C GLU B 272 -3.69 2.15 -32.38
N CYS B 273 -3.21 2.97 -31.45
CA CYS B 273 -1.88 3.54 -31.63
C CYS B 273 -0.80 2.47 -31.52
N ASP B 274 -1.02 1.42 -30.72
CA ASP B 274 -0.07 0.33 -30.66
C ASP B 274 0.04 -0.38 -32.00
N LEU B 275 -1.10 -0.65 -32.65
CA LEU B 275 -1.04 -1.26 -33.97
C LEU B 275 -0.36 -0.36 -34.98
N LEU B 276 -0.55 0.96 -34.85
CA LEU B 276 0.18 1.90 -35.70
C LEU B 276 1.68 1.69 -35.59
N ALA B 277 2.20 1.77 -34.36
CA ALA B 277 3.64 1.60 -34.15
C ALA B 277 4.10 0.22 -34.60
N HIS B 278 3.26 -0.80 -34.41
CA HIS B 278 3.55 -2.16 -34.85
C HIS B 278 3.80 -2.21 -36.35
N ARG B 279 2.88 -1.65 -37.13
CA ARG B 279 3.02 -1.64 -38.57
C ARG B 279 4.26 -0.87 -39.00
N SER B 280 4.53 0.27 -38.36
CA SER B 280 5.71 1.05 -38.71
C SER B 280 6.99 0.23 -38.50
N ALA B 281 7.12 -0.37 -37.32
CA ALA B 281 8.32 -1.13 -37.00
C ALA B 281 8.49 -2.32 -37.95
N HIS B 282 7.39 -2.97 -38.33
CA HIS B 282 7.52 -4.14 -39.18
C HIS B 282 7.82 -3.78 -40.62
N ARG B 283 7.29 -2.65 -41.11
CA ARG B 283 7.73 -2.16 -42.42
C ARG B 283 9.22 -1.87 -42.40
N LEU B 284 9.70 -1.24 -41.32
CA LEU B 284 11.13 -0.98 -41.20
C LEU B 284 11.94 -2.27 -41.20
N ALA B 285 11.47 -3.28 -40.46
CA ALA B 285 12.20 -4.54 -40.40
C ALA B 285 12.22 -5.24 -41.77
N LYS B 286 11.12 -5.13 -42.52
CA LYS B 286 11.11 -5.67 -43.87
C LYS B 286 12.16 -5.02 -44.73
N GLY B 287 12.27 -3.69 -44.65
CA GLY B 287 13.30 -2.99 -45.40
C GLY B 287 14.71 -3.42 -44.99
N GLY B 288 14.91 -3.62 -43.69
CA GLY B 288 16.22 -4.07 -43.23
C GLY B 288 16.58 -5.45 -43.74
N PHE B 289 15.63 -6.38 -43.69
CA PHE B 289 15.86 -7.71 -44.24
C PHE B 289 16.15 -7.65 -45.73
N GLY B 290 15.48 -6.74 -46.44
CA GLY B 290 15.78 -6.56 -47.85
C GLY B 290 17.21 -6.11 -48.09
N LEU B 291 17.67 -5.14 -47.30
CA LEU B 291 19.06 -4.71 -47.39
C LEU B 291 20.00 -5.87 -47.12
N LEU B 292 19.67 -6.71 -46.13
CA LEU B 292 20.53 -7.83 -45.78
C LEU B 292 20.65 -8.80 -46.95
N ALA B 293 19.51 -9.17 -47.54
CA ALA B 293 19.52 -10.10 -48.66
C ALA B 293 20.28 -9.51 -49.86
N GLY B 294 20.10 -8.21 -50.10
CA GLY B 294 20.87 -7.57 -51.16
C GLY B 294 22.36 -7.67 -50.92
N TRP B 295 22.79 -7.39 -49.68
CA TRP B 295 24.22 -7.47 -49.36
C TRP B 295 24.75 -8.88 -49.55
N TRP B 296 23.97 -9.88 -49.13
CA TRP B 296 24.41 -11.26 -49.23
C TRP B 296 24.58 -11.67 -50.69
N GLY B 297 23.57 -11.38 -51.52
CA GLY B 297 23.70 -11.68 -52.94
C GLY B 297 24.85 -10.94 -53.58
N VAL B 298 25.07 -9.69 -53.17
CA VAL B 298 26.19 -8.91 -53.69
C VAL B 298 27.51 -9.62 -53.42
N VAL B 299 27.76 -9.94 -52.15
CA VAL B 299 29.06 -10.51 -51.80
C VAL B 299 29.25 -11.86 -52.48
N TYR B 300 28.17 -12.64 -52.60
CA TYR B 300 28.30 -13.94 -53.25
C TYR B 300 28.66 -13.79 -54.72
N TYR B 301 27.82 -13.07 -55.48
CA TYR B 301 28.04 -12.92 -56.91
C TYR B 301 29.31 -12.15 -57.22
N VAL B 302 29.84 -11.38 -56.27
CA VAL B 302 31.09 -10.67 -56.49
C VAL B 302 32.29 -11.57 -56.22
N THR B 303 32.32 -12.23 -55.07
CA THR B 303 33.50 -13.00 -54.71
C THR B 303 33.63 -14.25 -55.59
N PHE B 304 32.51 -14.81 -56.02
CA PHE B 304 32.52 -16.09 -56.74
C PHE B 304 32.28 -15.96 -58.24
N HIS B 305 31.80 -14.80 -58.70
CA HIS B 305 31.49 -14.58 -60.11
C HIS B 305 31.91 -13.19 -60.56
N THR B 306 33.07 -12.73 -60.08
CA THR B 306 33.63 -11.46 -60.51
C THR B 306 35.16 -11.55 -60.43
N GLU B 307 35.83 -10.88 -61.35
CA GLU B 307 37.28 -10.95 -61.45
C GLU B 307 38.01 -10.23 -60.33
N PHE B 308 37.29 -9.54 -59.44
CA PHE B 308 37.95 -8.85 -58.33
C PHE B 308 38.45 -9.85 -57.30
N GLY B 309 37.54 -10.63 -56.73
CA GLY B 309 37.89 -11.64 -55.75
C GLY B 309 37.76 -11.12 -54.32
N TRP B 310 37.97 -12.05 -53.38
CA TRP B 310 37.85 -11.72 -51.96
C TRP B 310 38.87 -10.67 -51.54
N ASP B 311 39.99 -10.56 -52.26
CA ASP B 311 41.03 -9.61 -51.90
C ASP B 311 40.50 -8.19 -51.87
N LEU B 312 39.66 -7.84 -52.84
CA LEU B 312 39.07 -6.50 -52.94
C LEU B 312 37.76 -6.34 -52.19
N VAL B 313 37.30 -7.37 -51.48
CA VAL B 313 35.97 -7.42 -50.92
C VAL B 313 35.97 -7.37 -49.39
N GLU B 314 36.88 -8.08 -48.73
CA GLU B 314 37.02 -7.96 -47.28
C GLU B 314 37.13 -6.52 -46.80
N PRO B 315 37.94 -5.64 -47.40
CA PRO B 315 37.95 -4.25 -46.94
C PRO B 315 36.60 -3.60 -47.10
N VAL B 316 35.88 -3.95 -48.17
CA VAL B 316 34.57 -3.35 -48.43
C VAL B 316 33.60 -3.70 -47.30
N THR B 317 33.53 -4.98 -46.93
CA THR B 317 32.56 -5.38 -45.91
C THR B 317 33.00 -4.96 -44.52
N TYR B 318 34.31 -4.82 -44.29
CA TYR B 318 34.78 -4.28 -43.03
C TYR B 318 34.36 -2.82 -42.87
N LEU B 319 34.64 -2.01 -43.90
CA LEU B 319 34.18 -0.63 -43.90
C LEU B 319 32.67 -0.57 -43.79
N ALA B 320 31.97 -1.53 -44.38
CA ALA B 320 30.51 -1.56 -44.31
C ALA B 320 30.05 -1.80 -42.88
N GLY B 321 30.67 -2.76 -42.20
CA GLY B 321 30.30 -3.03 -40.82
C GLY B 321 30.56 -1.83 -39.92
N LEU B 322 31.69 -1.16 -40.13
CA LEU B 322 31.96 0.02 -39.31
C LEU B 322 31.00 1.15 -39.63
N THR B 323 30.61 1.30 -40.89
CA THR B 323 29.64 2.33 -41.24
C THR B 323 28.25 2.01 -40.68
N THR B 324 27.90 0.73 -40.62
CA THR B 324 26.63 0.34 -39.99
C THR B 324 26.66 0.61 -38.50
N ILE B 325 27.80 0.37 -37.85
CA ILE B 325 27.92 0.68 -36.43
C ILE B 325 27.85 2.19 -36.23
N MET B 326 28.46 2.96 -37.13
CA MET B 326 28.38 4.41 -37.04
C MET B 326 26.95 4.90 -37.23
N GLY B 327 26.21 4.26 -38.14
CA GLY B 327 24.81 4.62 -38.33
C GLY B 327 23.97 4.29 -37.12
N GLY B 328 24.18 3.11 -36.54
CA GLY B 328 23.48 2.77 -35.30
C GLY B 328 23.82 3.73 -34.18
N TYR B 329 25.07 4.17 -34.11
CA TYR B 329 25.50 5.12 -33.08
C TYR B 329 24.81 6.46 -33.28
N LEU B 330 24.81 6.96 -34.52
CA LEU B 330 24.06 8.15 -34.87
C LEU B 330 22.58 8.00 -34.54
N TRP B 331 22.04 6.80 -34.67
CA TRP B 331 20.63 6.58 -34.34
C TRP B 331 20.41 6.65 -32.84
N PHE B 332 21.29 6.03 -32.05
CA PHE B 332 21.20 6.14 -30.59
C PHE B 332 21.25 7.59 -30.16
N LEU B 333 22.05 8.40 -30.84
CA LEU B 333 22.10 9.82 -30.51
C LEU B 333 20.95 10.61 -31.11
N TYR B 334 20.32 10.08 -32.16
CA TYR B 334 19.09 10.66 -32.68
C TYR B 334 17.94 10.48 -31.71
N ILE B 335 17.94 9.37 -30.98
CA ILE B 335 17.01 9.20 -29.86
C ILE B 335 17.20 10.33 -28.85
N ASN B 336 18.41 10.42 -28.29
CA ASN B 336 18.71 11.39 -27.25
C ASN B 336 19.28 12.68 -27.83
N ARG B 351 9.08 2.77 -27.04
CA ARG B 351 9.75 4.07 -27.02
C ARG B 351 8.93 5.10 -27.77
N ARG B 352 8.69 4.85 -29.05
CA ARG B 352 7.85 5.75 -29.84
C ARG B 352 6.41 5.72 -29.37
N GLN B 353 5.99 4.63 -28.73
CA GLN B 353 4.63 4.53 -28.20
C GLN B 353 4.34 5.64 -27.20
N HIS B 354 5.33 6.02 -26.39
CA HIS B 354 5.12 7.06 -25.40
C HIS B 354 4.90 8.41 -26.06
N ALA B 355 5.63 8.69 -27.14
CA ALA B 355 5.43 9.93 -27.87
C ALA B 355 4.08 9.93 -28.58
N LEU B 356 3.68 8.78 -29.12
CA LEU B 356 2.36 8.66 -29.72
C LEU B 356 1.28 8.94 -28.68
N TYR B 357 1.47 8.43 -27.46
CA TYR B 357 0.53 8.71 -26.38
C TYR B 357 0.47 10.20 -26.09
N GLU B 358 1.64 10.82 -25.88
CA GLU B 358 1.69 12.22 -25.50
C GLU B 358 1.09 13.12 -26.57
N MET B 359 1.28 12.77 -27.84
CA MET B 359 0.72 13.56 -28.93
C MET B 359 -0.76 13.24 -29.16
N LYS B 360 -1.22 12.07 -28.73
CA LYS B 360 -2.60 11.66 -28.91
C LYS B 360 -3.47 11.97 -27.71
N GLY B 361 -2.90 11.99 -26.50
CA GLY B 361 -3.62 12.33 -25.29
C GLY B 361 -3.73 11.21 -24.28
N PHE B 362 -3.32 9.98 -24.62
CA PHE B 362 -3.41 8.87 -23.69
C PHE B 362 -2.56 9.13 -22.46
N ASP B 363 -2.97 8.53 -21.34
CA ASP B 363 -2.28 8.64 -20.07
C ASP B 363 -2.13 7.25 -19.46
N ILE B 364 -1.11 7.08 -18.63
CA ILE B 364 -0.74 5.77 -18.09
C ILE B 364 -0.95 5.70 -16.59
N GLU B 365 -0.46 6.69 -15.86
CA GLU B 365 -0.68 6.72 -14.42
C GLU B 365 -2.16 6.73 -14.10
N ARG B 366 -2.94 7.54 -14.82
CA ARG B 366 -4.38 7.51 -14.67
C ARG B 366 -4.94 6.17 -15.08
N TRP B 367 -4.42 5.59 -16.17
CA TRP B 367 -4.91 4.31 -16.65
C TRP B 367 -4.75 3.22 -15.59
N GLU B 368 -3.53 3.03 -15.12
CA GLU B 368 -3.29 2.00 -14.11
C GLU B 368 -4.00 2.32 -12.81
N GLN B 369 -4.16 3.61 -12.49
CA GLN B 369 -4.92 3.96 -11.29
C GLN B 369 -6.36 3.48 -11.40
N LEU B 370 -7.01 3.77 -12.53
CA LEU B 370 -8.38 3.32 -12.74
C LEU B 370 -8.46 1.80 -12.70
N VAL B 371 -7.52 1.12 -13.36
CA VAL B 371 -7.54 -0.33 -13.39
C VAL B 371 -7.39 -0.92 -12.00
N GLN B 372 -6.46 -0.38 -11.22
CA GLN B 372 -6.21 -0.90 -9.88
C GLN B 372 -7.42 -0.72 -8.99
N ASP B 373 -8.02 0.48 -9.02
CA ASP B 373 -9.22 0.72 -8.25
C ASP B 373 -10.34 -0.22 -8.67
N ALA B 374 -10.48 -0.44 -9.97
CA ALA B 374 -11.55 -1.30 -10.47
C ALA B 374 -11.32 -2.75 -10.05
N ASN B 375 -10.07 -3.19 -10.01
CA ASN B 375 -9.79 -4.56 -9.59
C ASN B 375 -10.11 -4.74 -8.12
N ALA B 376 -9.71 -3.78 -7.29
CA ALA B 376 -10.07 -3.86 -5.87
C ALA B 376 -11.59 -3.87 -5.70
N LEU B 377 -12.29 -3.08 -6.52
CA LEU B 377 -13.74 -3.07 -6.50
C LEU B 377 -14.30 -4.45 -6.82
N ARG B 378 -13.84 -5.03 -7.92
CA ARG B 378 -14.31 -6.36 -8.33
C ARG B 378 -14.06 -7.39 -7.25
N ARG B 379 -12.93 -7.28 -6.55
CA ARG B 379 -12.63 -8.22 -5.49
C ARG B 379 -13.61 -8.06 -4.33
N GLU B 380 -13.94 -6.83 -3.96
CA GLU B 380 -14.96 -6.62 -2.93
C GLU B 380 -16.30 -7.19 -3.37
N ILE B 381 -16.64 -7.02 -4.65
CA ILE B 381 -17.89 -7.55 -5.19
C ILE B 381 -17.92 -9.06 -5.05
N ARG B 382 -16.85 -9.73 -5.44
CA ARG B 382 -16.83 -11.18 -5.36
C ARG B 382 -16.83 -11.65 -3.91
N VAL B 383 -16.25 -10.86 -3.00
CA VAL B 383 -16.34 -11.18 -1.58
C VAL B 383 -17.78 -11.22 -1.13
N ILE B 384 -18.53 -10.14 -1.41
CA ILE B 384 -19.92 -10.12 -0.95
C ILE B 384 -20.74 -11.16 -1.70
N ALA B 385 -20.37 -11.47 -2.95
CA ALA B 385 -21.08 -12.50 -3.70
C ALA B 385 -20.84 -13.88 -3.11
N VAL B 386 -19.67 -14.09 -2.50
CA VAL B 386 -19.44 -15.30 -1.73
C VAL B 386 -20.31 -15.30 -0.48
N GLU B 387 -20.31 -14.18 0.25
CA GLU B 387 -21.15 -14.08 1.45
C GLU B 387 -22.62 -14.22 1.09
N TYR B 388 -23.07 -13.50 0.09
CA TYR B 388 -24.45 -13.54 -0.38
C TYR B 388 -24.55 -14.58 -1.51
N ASP B 389 -25.63 -14.54 -2.28
CA ASP B 389 -25.78 -15.45 -3.41
C ASP B 389 -24.75 -15.15 -4.50
N VAL B 390 -24.16 -16.22 -5.03
CA VAL B 390 -23.15 -16.17 -6.08
C VAL B 390 -23.79 -16.01 -7.45
N ASP B 391 -22.96 -15.92 -8.49
CA ASP B 391 -23.42 -15.87 -9.88
C ASP B 391 -24.16 -14.57 -10.19
N TRP B 392 -23.41 -13.46 -10.17
CA TRP B 392 -23.96 -12.12 -10.36
C TRP B 392 -23.81 -11.61 -11.78
N ASP B 393 -23.15 -12.36 -12.68
CA ASP B 393 -23.21 -12.11 -14.12
C ASP B 393 -22.70 -10.71 -14.47
N GLU B 394 -21.39 -10.54 -14.28
CA GLU B 394 -20.73 -9.26 -14.56
C GLU B 394 -21.07 -8.74 -15.95
N THR B 395 -21.08 -9.63 -16.94
CA THR B 395 -21.42 -9.21 -18.30
C THR B 395 -22.85 -8.67 -18.38
N ARG B 396 -23.73 -9.15 -17.51
CA ARG B 396 -25.09 -8.61 -17.46
C ARG B 396 -25.13 -7.19 -16.90
N ASP B 397 -24.07 -6.76 -16.21
CA ASP B 397 -23.99 -5.42 -15.64
C ASP B 397 -23.07 -4.54 -16.48
N ALA C 63 -13.11 -18.37 44.12
CA ALA C 63 -13.10 -16.94 43.84
C ALA C 63 -12.14 -16.62 42.71
N LYS C 64 -12.46 -17.09 41.50
CA LYS C 64 -11.64 -16.84 40.34
C LYS C 64 -12.39 -17.29 39.10
N GLY C 65 -12.09 -16.62 37.98
CA GLY C 65 -12.69 -16.98 36.70
C GLY C 65 -11.74 -16.69 35.56
N LYS C 66 -12.24 -16.71 34.34
CA LYS C 66 -11.41 -16.52 33.16
C LYS C 66 -12.30 -16.34 31.95
N LEU C 67 -11.78 -15.69 30.93
CA LEU C 67 -12.42 -15.63 29.63
C LEU C 67 -11.56 -16.33 28.60
N LEU C 68 -12.16 -16.54 27.43
CA LEU C 68 -11.56 -17.35 26.38
C LEU C 68 -11.83 -16.69 25.04
N THR C 69 -10.97 -16.98 24.08
CA THR C 69 -11.01 -16.36 22.76
C THR C 69 -11.50 -17.39 21.75
N THR C 70 -12.70 -17.18 21.24
CA THR C 70 -13.18 -17.94 20.10
C THR C 70 -12.56 -17.38 18.82
N PRO C 71 -12.63 -18.12 17.72
CA PRO C 71 -12.11 -17.59 16.44
C PRO C 71 -13.04 -16.62 15.74
N THR C 72 -14.19 -16.28 16.34
CA THR C 72 -15.19 -15.44 15.71
C THR C 72 -15.15 -14.01 16.21
N ARG C 73 -14.02 -13.56 16.75
CA ARG C 73 -13.86 -12.20 17.24
C ARG C 73 -14.85 -11.92 18.36
N LEU C 74 -15.15 -12.95 19.15
CA LEU C 74 -15.96 -12.83 20.34
C LEU C 74 -15.13 -13.30 21.53
N LEU C 75 -15.71 -13.19 22.71
CA LEU C 75 -15.07 -13.60 23.95
C LEU C 75 -16.07 -14.34 24.79
N LYS C 76 -15.67 -15.51 25.28
CA LYS C 76 -16.51 -16.37 26.08
C LYS C 76 -16.01 -16.25 27.51
N LEU C 77 -16.71 -15.43 28.30
CA LEU C 77 -16.39 -15.23 29.70
C LEU C 77 -17.04 -16.33 30.52
N ILE C 78 -16.29 -16.84 31.50
CA ILE C 78 -16.75 -17.88 32.40
C ILE C 78 -16.31 -17.48 33.80
N LEU C 79 -17.26 -17.38 34.72
CA LEU C 79 -16.97 -16.89 36.06
C LEU C 79 -17.93 -17.52 37.04
N PRO C 80 -17.61 -17.53 38.35
CA PRO C 80 -18.55 -18.03 39.35
C PRO C 80 -19.55 -16.95 39.76
N LEU C 81 -20.84 -17.21 39.49
CA LEU C 81 -21.93 -16.30 39.83
C LEU C 81 -22.76 -16.92 40.94
N PRO C 82 -22.33 -16.81 42.21
CA PRO C 82 -23.11 -17.42 43.29
C PRO C 82 -24.43 -16.70 43.55
N ILE C 108 -23.93 -25.41 39.48
CA ILE C 108 -22.98 -26.36 38.91
C ILE C 108 -22.37 -25.77 37.65
N GLN C 109 -23.21 -25.30 36.74
CA GLN C 109 -22.77 -24.68 35.51
C GLN C 109 -22.50 -23.20 35.80
N PRO C 110 -21.23 -22.75 35.87
CA PRO C 110 -21.00 -21.34 36.23
C PRO C 110 -21.50 -20.36 35.17
N LEU C 111 -21.40 -19.07 35.47
CA LEU C 111 -21.94 -18.04 34.59
C LEU C 111 -21.10 -17.95 33.33
N ALA C 112 -21.74 -18.19 32.18
CA ALA C 112 -21.10 -18.14 30.88
C ALA C 112 -21.74 -17.02 30.05
N LEU C 113 -20.90 -16.21 29.41
CA LEU C 113 -21.37 -15.04 28.70
C LEU C 113 -20.61 -14.87 27.40
N LEU C 114 -21.32 -14.51 26.34
CA LEU C 114 -20.74 -14.18 25.05
C LEU C 114 -20.64 -12.66 24.93
N ILE C 115 -19.49 -12.18 24.47
CA ILE C 115 -19.21 -10.76 24.37
C ILE C 115 -18.64 -10.47 23.00
N HIS C 116 -19.01 -9.32 22.45
CA HIS C 116 -18.33 -8.70 21.32
C HIS C 116 -17.43 -7.59 21.84
N PRO C 117 -16.21 -7.39 21.33
CA PRO C 117 -15.28 -6.49 22.02
C PRO C 117 -15.70 -5.04 22.02
N GLN C 118 -16.36 -4.58 20.95
CA GLN C 118 -16.78 -3.19 20.87
C GLN C 118 -17.81 -2.80 21.92
N GLN C 119 -18.47 -3.78 22.54
CA GLN C 119 -19.45 -3.48 23.57
C GLN C 119 -18.80 -2.73 24.72
N PRO C 120 -19.54 -1.90 25.43
CA PRO C 120 -19.00 -1.27 26.63
C PRO C 120 -19.26 -2.11 27.86
N LEU C 121 -18.57 -1.75 28.94
CA LEU C 121 -18.68 -2.48 30.19
C LEU C 121 -20.05 -2.31 30.84
N SER C 122 -20.78 -1.25 30.49
CA SER C 122 -22.11 -1.05 31.05
C SER C 122 -23.05 -2.18 30.60
N TYR C 123 -22.91 -2.64 29.37
CA TYR C 123 -23.71 -3.75 28.91
C TYR C 123 -23.38 -5.01 29.67
N VAL C 124 -22.10 -5.23 29.97
CA VAL C 124 -21.70 -6.36 30.79
C VAL C 124 -22.31 -6.23 32.19
N GLU C 125 -22.35 -5.01 32.72
CA GLU C 125 -22.95 -4.80 34.03
C GLU C 125 -24.42 -5.19 34.02
N ARG C 126 -25.18 -4.71 33.03
CA ARG C 126 -26.59 -5.05 32.95
C ARG C 126 -26.79 -6.53 32.71
N LEU C 127 -25.90 -7.14 31.94
CA LEU C 127 -25.99 -8.57 31.66
C LEU C 127 -25.79 -9.40 32.92
N ILE C 128 -24.77 -9.05 33.70
CA ILE C 128 -24.53 -9.73 34.97
C ILE C 128 -25.69 -9.51 35.92
N GLN C 129 -26.21 -8.28 35.99
CA GLN C 129 -27.38 -8.00 36.81
C GLN C 129 -28.55 -8.90 36.43
N ALA C 130 -28.74 -9.11 35.12
CA ALA C 130 -29.77 -10.05 34.68
C ALA C 130 -29.46 -11.47 35.13
N GLU C 131 -28.18 -11.83 35.11
CA GLU C 131 -27.81 -13.19 35.51
C GLU C 131 -27.88 -13.38 37.01
N LEU C 132 -27.59 -12.34 37.78
CA LEU C 132 -27.49 -12.46 39.24
C LEU C 132 -28.87 -12.38 39.87
N PRO C 133 -28.97 -12.71 41.17
CA PRO C 133 -30.25 -12.61 41.86
C PRO C 133 -30.48 -11.23 42.41
N PRO C 134 -31.68 -10.93 42.93
CA PRO C 134 -31.92 -9.60 43.52
C PRO C 134 -31.19 -9.41 44.85
N VAL C 135 -31.37 -8.25 45.45
CA VAL C 135 -30.77 -7.92 46.74
C VAL C 135 -31.87 -7.67 47.77
N LYS C 142 -33.19 -2.22 44.10
CA LYS C 142 -32.27 -2.94 44.98
C LYS C 142 -31.30 -3.77 44.16
N ILE C 143 -30.77 -3.18 43.10
CA ILE C 143 -29.83 -3.84 42.21
C ILE C 143 -28.44 -3.38 42.62
N PRO C 144 -27.41 -4.24 42.59
CA PRO C 144 -26.06 -3.77 42.93
C PRO C 144 -25.38 -3.09 41.75
N ASN C 145 -24.34 -2.34 42.08
CA ASN C 145 -23.50 -1.66 41.11
C ASN C 145 -22.14 -2.34 41.04
N VAL C 146 -21.71 -2.64 39.83
CA VAL C 146 -20.51 -3.42 39.58
C VAL C 146 -19.36 -2.49 39.26
N TYR C 147 -18.17 -2.80 39.79
CA TYR C 147 -16.96 -2.06 39.52
C TYR C 147 -15.95 -3.00 38.88
N PHE C 148 -15.21 -2.50 37.90
CA PHE C 148 -14.09 -3.22 37.31
C PHE C 148 -12.79 -2.49 37.66
N ARG C 149 -11.72 -3.28 37.81
CA ARG C 149 -10.48 -2.74 38.36
C ARG C 149 -9.30 -3.47 37.77
N ALA C 150 -8.13 -2.85 37.89
CA ALA C 150 -6.87 -3.42 37.45
C ALA C 150 -5.82 -3.31 38.55
N TRP C 205 -4.43 0.04 42.97
CA TRP C 205 -5.31 -0.32 41.87
C TRP C 205 -6.12 0.87 41.37
N VAL C 206 -6.94 0.62 40.36
CA VAL C 206 -7.68 1.63 39.63
C VAL C 206 -9.13 1.17 39.49
N ARG C 207 -10.05 2.12 39.48
CA ARG C 207 -11.44 1.88 39.12
C ARG C 207 -11.65 2.43 37.71
N TRP C 208 -12.34 1.65 36.89
CA TRP C 208 -12.54 1.96 35.49
C TRP C 208 -14.00 2.37 35.25
N SER C 209 -14.23 2.96 34.09
CA SER C 209 -15.54 3.48 33.75
C SER C 209 -16.39 2.37 33.15
N SER C 210 -17.54 2.74 32.60
CA SER C 210 -18.53 1.80 32.10
C SER C 210 -18.77 1.93 30.60
N SER C 211 -18.01 2.78 29.91
CA SER C 211 -18.16 2.97 28.47
C SER C 211 -17.00 2.46 27.65
N THR C 212 -15.91 2.04 28.28
CA THR C 212 -14.75 1.57 27.55
C THR C 212 -15.06 0.29 26.78
N GLU C 213 -14.60 0.22 25.55
CA GLU C 213 -14.69 -1.02 24.81
C GLU C 213 -13.85 -2.09 25.50
N MET C 214 -14.28 -3.34 25.34
CA MET C 214 -13.61 -4.45 26.02
C MET C 214 -12.17 -4.58 25.56
N GLY C 215 -11.94 -4.47 24.24
CA GLY C 215 -10.61 -4.72 23.71
C GLY C 215 -9.55 -3.82 24.29
N ASP C 216 -9.85 -2.52 24.39
CA ASP C 216 -8.89 -1.59 24.95
C ASP C 216 -8.59 -1.91 26.41
N PHE C 217 -9.62 -2.28 27.16
CA PHE C 217 -9.43 -2.62 28.57
C PHE C 217 -8.56 -3.85 28.71
N ILE C 218 -8.77 -4.84 27.85
CA ILE C 218 -7.97 -6.06 27.90
C ILE C 218 -6.53 -5.76 27.54
N ARG C 219 -6.31 -4.99 26.46
CA ARG C 219 -4.96 -4.58 26.08
C ARG C 219 -4.23 -3.93 27.25
N ASP C 220 -4.89 -2.98 27.90
CA ASP C 220 -4.25 -2.27 29.00
C ASP C 220 -4.19 -3.09 30.27
N ALA C 221 -4.90 -4.22 30.32
CA ALA C 221 -4.85 -5.10 31.48
C ALA C 221 -3.75 -6.15 31.38
N ALA C 222 -3.38 -6.54 30.15
CA ALA C 222 -2.52 -7.71 29.96
C ALA C 222 -1.13 -7.54 30.53
N ARG C 223 -0.73 -6.33 30.94
CA ARG C 223 0.55 -6.17 31.60
C ARG C 223 0.61 -6.87 32.95
N GLY C 224 -0.55 -7.20 33.53
CA GLY C 224 -0.63 -7.85 34.83
C GLY C 224 -1.24 -9.22 34.81
N ARG C 225 -1.81 -9.63 33.67
CA ARG C 225 -2.35 -10.95 33.41
C ARG C 225 -3.70 -11.19 34.10
N GLU C 226 -4.22 -10.24 34.86
CA GLU C 226 -5.49 -10.45 35.54
C GLU C 226 -6.14 -9.11 35.83
N PHE C 227 -7.48 -9.10 35.85
CA PHE C 227 -8.23 -7.92 36.25
C PHE C 227 -9.37 -8.34 37.16
N ALA C 228 -9.84 -7.38 37.97
CA ALA C 228 -10.66 -7.67 39.13
C ALA C 228 -12.04 -7.06 39.00
N ILE C 229 -12.98 -7.64 39.76
CA ILE C 229 -14.34 -7.15 39.86
C ILE C 229 -14.62 -6.88 41.33
N GLU C 230 -15.47 -5.86 41.57
CA GLU C 230 -15.92 -5.51 42.91
C GLU C 230 -17.42 -5.26 42.83
N ILE C 231 -18.20 -6.19 43.34
CA ILE C 231 -19.64 -6.05 43.42
C ILE C 231 -19.99 -5.34 44.72
N GLU C 232 -20.98 -4.44 44.66
CA GLU C 232 -21.32 -3.64 45.82
C GLU C 232 -21.96 -4.49 46.92
N GLY C 233 -22.76 -5.47 46.54
CA GLY C 233 -23.53 -6.24 47.50
C GLY C 233 -22.77 -7.31 48.24
N TYR C 234 -22.05 -8.15 47.52
CA TYR C 234 -21.54 -9.39 48.11
C TYR C 234 -20.27 -9.20 48.90
N ASN C 235 -19.54 -8.10 48.71
CA ASN C 235 -18.27 -7.86 49.39
C ASN C 235 -17.26 -8.96 49.09
N ILE C 236 -17.31 -9.52 47.89
CA ILE C 236 -16.41 -10.59 47.45
C ILE C 236 -15.29 -9.97 46.63
N GLU C 237 -14.08 -10.50 46.80
CA GLU C 237 -12.97 -10.19 45.92
C GLU C 237 -12.92 -11.24 44.81
N MET C 238 -12.97 -10.78 43.56
CA MET C 238 -12.96 -11.65 42.40
C MET C 238 -11.92 -11.15 41.41
N ARG C 239 -11.17 -12.10 40.84
CA ARG C 239 -10.17 -11.82 39.83
C ARG C 239 -10.38 -12.75 38.66
N VAL C 240 -10.00 -12.29 37.47
CA VAL C 240 -10.28 -12.98 36.23
C VAL C 240 -9.03 -12.88 35.36
N SER C 241 -8.82 -13.92 34.56
CA SER C 241 -7.58 -14.06 33.81
C SER C 241 -7.63 -13.26 32.51
N VAL C 242 -6.54 -12.56 32.23
CA VAL C 242 -6.40 -11.84 30.96
C VAL C 242 -5.78 -12.79 29.93
N PRO C 243 -6.34 -12.93 28.74
CA PRO C 243 -5.65 -13.70 27.70
C PRO C 243 -4.47 -12.90 27.17
N SER C 244 -3.33 -13.56 27.07
CA SER C 244 -2.16 -12.95 26.48
C SER C 244 -2.30 -12.94 24.96
N PHE C 245 -1.21 -12.62 24.29
CA PHE C 245 -1.14 -12.73 22.83
C PHE C 245 -1.38 -14.16 22.34
N GLY C 246 -1.27 -15.16 23.22
CA GLY C 246 -1.24 -16.54 22.77
C GLY C 246 -2.55 -17.03 22.16
N ASP C 247 -3.68 -16.62 22.73
CA ASP C 247 -4.96 -17.18 22.26
C ASP C 247 -5.36 -16.59 20.90
N ARG C 248 -5.30 -15.26 20.80
CA ARG C 248 -5.52 -14.59 19.52
C ARG C 248 -4.55 -15.13 18.48
N THR C 249 -3.28 -15.21 18.86
CA THR C 249 -2.26 -15.81 18.00
C THR C 249 -2.64 -17.22 17.58
N TYR C 250 -3.24 -18.00 18.49
CA TYR C 250 -3.59 -19.37 18.18
C TYR C 250 -4.63 -19.40 17.07
N TYR C 251 -5.77 -18.75 17.31
CA TYR C 251 -6.87 -18.84 16.37
C TYR C 251 -6.65 -18.05 15.10
N MET C 252 -5.57 -17.28 14.99
CA MET C 252 -5.15 -16.71 13.71
C MET C 252 -4.05 -17.53 13.03
N ARG C 253 -2.96 -17.81 13.75
CA ARG C 253 -1.86 -18.60 13.24
C ARG C 253 -2.30 -19.94 12.68
N GLN C 254 -3.37 -20.53 13.22
CA GLN C 254 -3.84 -21.79 12.65
C GLN C 254 -4.27 -21.59 11.20
N ARG C 255 -5.08 -20.56 10.95
CA ARG C 255 -5.45 -20.21 9.59
C ARG C 255 -4.21 -19.90 8.75
N LEU C 256 -3.27 -19.18 9.34
CA LEU C 256 -2.09 -18.75 8.60
C LEU C 256 -1.25 -19.96 8.18
N ARG C 257 -1.07 -20.91 9.08
CA ARG C 257 -0.28 -22.10 8.77
C ARG C 257 -0.96 -22.95 7.71
N LYS C 258 -2.29 -23.09 7.80
CA LYS C 258 -3.01 -23.80 6.74
C LYS C 258 -2.77 -23.15 5.39
N MET C 259 -2.93 -21.82 5.34
CA MET C 259 -2.74 -21.10 4.09
C MET C 259 -1.32 -21.23 3.57
N SER C 260 -0.34 -21.09 4.48
CA SER C 260 1.06 -21.13 4.07
C SER C 260 1.45 -22.51 3.55
N SER C 261 0.94 -23.57 4.18
CA SER C 261 1.24 -24.91 3.69
C SER C 261 0.63 -25.14 2.32
N GLU C 262 -0.62 -24.71 2.12
CA GLU C 262 -1.23 -24.82 0.80
C GLU C 262 -0.43 -24.06 -0.24
N ILE C 263 0.03 -22.86 0.11
CA ILE C 263 0.79 -22.05 -0.82
C ILE C 263 2.13 -22.70 -1.13
N ASP C 264 2.75 -23.32 -0.13
CA ASP C 264 4.01 -24.02 -0.36
C ASP C 264 3.81 -25.16 -1.36
N GLY C 265 2.72 -25.92 -1.22
CA GLY C 265 2.43 -26.96 -2.18
C GLY C 265 2.24 -26.42 -3.58
N LEU C 266 1.45 -25.36 -3.71
CA LEU C 266 1.18 -24.78 -5.02
C LEU C 266 2.46 -24.24 -5.65
N ALA C 267 3.32 -23.61 -4.86
CA ALA C 267 4.57 -23.08 -5.37
C ALA C 267 5.51 -24.21 -5.79
N LYS C 268 5.48 -25.33 -5.07
CA LYS C 268 6.26 -26.49 -5.49
C LYS C 268 5.80 -26.99 -6.86
N ILE C 269 4.48 -27.02 -7.07
CA ILE C 269 3.94 -27.44 -8.36
C ILE C 269 4.41 -26.50 -9.47
N LYS C 270 4.29 -25.19 -9.22
CA LYS C 270 4.70 -24.20 -10.21
C LYS C 270 6.20 -24.32 -10.51
N HIS C 271 6.99 -24.56 -9.47
CA HIS C 271 8.43 -24.78 -9.63
C HIS C 271 8.70 -25.98 -10.52
N GLU C 272 7.95 -27.06 -10.31
CA GLU C 272 8.12 -28.26 -11.12
C GLU C 272 7.85 -27.98 -12.59
N CYS C 273 6.75 -27.28 -12.89
CA CYS C 273 6.43 -27.04 -14.29
C CYS C 273 7.39 -26.03 -14.92
N ASP C 274 7.86 -25.05 -14.14
CA ASP C 274 8.89 -24.15 -14.63
C ASP C 274 10.15 -24.92 -15.01
N LEU C 275 10.55 -25.87 -14.15
CA LEU C 275 11.68 -26.74 -14.47
C LEU C 275 11.40 -27.55 -15.73
N LEU C 276 10.16 -27.98 -15.91
CA LEU C 276 9.79 -28.76 -17.10
C LEU C 276 10.11 -27.99 -18.38
N ALA C 277 9.64 -26.74 -18.46
CA ALA C 277 9.95 -25.95 -19.65
C ALA C 277 11.44 -25.57 -19.73
N HIS C 278 12.05 -25.30 -18.57
CA HIS C 278 13.44 -24.87 -18.52
C HIS C 278 14.36 -25.94 -19.10
N ARG C 279 14.10 -27.21 -18.79
CA ARG C 279 14.96 -28.27 -19.28
C ARG C 279 14.84 -28.45 -20.79
N SER C 280 13.65 -28.21 -21.35
CA SER C 280 13.50 -28.20 -22.80
C SER C 280 14.40 -27.15 -23.43
N ALA C 281 14.32 -25.92 -22.92
CA ALA C 281 15.19 -24.86 -23.44
C ALA C 281 16.66 -25.21 -23.26
N HIS C 282 16.99 -25.87 -22.15
CA HIS C 282 18.38 -26.24 -21.88
C HIS C 282 18.89 -27.26 -22.89
N ARG C 283 18.07 -28.27 -23.20
CA ARG C 283 18.46 -29.26 -24.21
C ARG C 283 18.66 -28.62 -25.57
N LEU C 284 17.78 -27.68 -25.92
CA LEU C 284 17.95 -27.01 -27.22
C LEU C 284 19.24 -26.21 -27.25
N ALA C 285 19.60 -25.56 -26.14
CA ALA C 285 20.88 -24.85 -26.10
C ALA C 285 22.06 -25.80 -26.15
N LYS C 286 21.92 -26.99 -25.58
CA LYS C 286 22.97 -28.00 -25.72
C LYS C 286 23.17 -28.37 -27.19
N GLY C 287 22.07 -28.54 -27.92
CA GLY C 287 22.17 -28.77 -29.36
C GLY C 287 22.88 -27.63 -30.06
N GLY C 288 22.61 -26.40 -29.63
CA GLY C 288 23.32 -25.26 -30.20
C GLY C 288 24.82 -25.33 -29.96
N PHE C 289 25.22 -25.68 -28.74
CA PHE C 289 26.64 -25.87 -28.43
C PHE C 289 27.25 -26.92 -29.34
N GLY C 290 26.51 -28.00 -29.59
CA GLY C 290 27.02 -29.03 -30.46
C GLY C 290 27.23 -28.53 -31.88
N LEU C 291 26.28 -27.75 -32.39
CA LEU C 291 26.43 -27.16 -33.72
C LEU C 291 27.67 -26.27 -33.78
N LEU C 292 27.87 -25.47 -32.73
CA LEU C 292 29.02 -24.57 -32.69
C LEU C 292 30.33 -25.35 -32.76
N ALA C 293 30.46 -26.38 -31.92
CA ALA C 293 31.69 -27.16 -31.92
C ALA C 293 31.88 -27.90 -33.24
N GLY C 294 30.79 -28.34 -33.86
CA GLY C 294 30.90 -28.97 -35.17
C GLY C 294 31.44 -28.02 -36.21
N TRP C 295 30.92 -26.79 -36.21
CA TRP C 295 31.42 -25.77 -37.15
C TRP C 295 32.90 -25.49 -36.91
N TRP C 296 33.31 -25.43 -35.64
CA TRP C 296 34.71 -25.19 -35.31
C TRP C 296 35.60 -26.28 -35.87
N GLY C 297 35.24 -27.53 -35.61
CA GLY C 297 36.03 -28.64 -36.14
C GLY C 297 36.03 -28.67 -37.66
N VAL C 298 34.91 -28.29 -38.27
CA VAL C 298 34.83 -28.24 -39.73
C VAL C 298 35.85 -27.26 -40.28
N VAL C 299 35.87 -26.04 -39.73
CA VAL C 299 36.78 -25.04 -40.28
C VAL C 299 38.22 -25.42 -39.99
N TYR C 300 38.48 -26.06 -38.85
CA TYR C 300 39.85 -26.50 -38.57
C TYR C 300 40.31 -27.54 -39.58
N TYR C 301 39.44 -28.51 -39.89
CA TYR C 301 39.75 -29.53 -40.88
C TYR C 301 40.00 -28.90 -42.25
N VAL C 302 39.13 -27.99 -42.67
CA VAL C 302 39.26 -27.40 -43.99
C VAL C 302 40.47 -26.48 -44.04
N THR C 303 40.90 -25.94 -42.91
CA THR C 303 42.09 -25.11 -42.89
C THR C 303 43.34 -25.98 -43.07
N PHE C 304 43.55 -26.91 -42.15
CA PHE C 304 44.82 -27.63 -42.11
C PHE C 304 44.78 -28.90 -42.94
N HIS C 305 43.71 -29.67 -42.80
CA HIS C 305 43.54 -30.92 -43.55
C HIS C 305 42.75 -30.68 -44.83
N THR C 306 43.21 -29.74 -45.65
CA THR C 306 42.56 -29.45 -46.92
C THR C 306 43.48 -28.59 -47.77
N GLU C 307 43.30 -28.70 -49.08
CA GLU C 307 44.11 -27.96 -50.05
C GLU C 307 43.46 -26.66 -50.51
N PHE C 308 42.19 -26.41 -50.14
CA PHE C 308 41.55 -25.16 -50.51
C PHE C 308 42.25 -23.97 -49.87
N GLY C 309 42.59 -24.10 -48.60
CA GLY C 309 43.24 -23.02 -47.88
C GLY C 309 42.27 -21.99 -47.37
N TRP C 310 42.81 -21.05 -46.60
CA TRP C 310 42.02 -20.01 -45.96
C TRP C 310 41.26 -19.15 -46.96
N ASP C 311 41.76 -19.07 -48.20
CA ASP C 311 41.17 -18.16 -49.18
C ASP C 311 39.70 -18.50 -49.45
N LEU C 312 39.37 -19.78 -49.50
CA LEU C 312 38.00 -20.23 -49.71
C LEU C 312 37.21 -20.36 -48.41
N VAL C 313 37.81 -20.02 -47.27
CA VAL C 313 37.22 -20.24 -45.95
C VAL C 313 36.59 -18.97 -45.41
N GLU C 314 37.40 -17.92 -45.28
CA GLU C 314 36.95 -16.62 -44.80
C GLU C 314 35.69 -16.12 -45.47
N PRO C 315 35.52 -16.17 -46.80
CA PRO C 315 34.25 -15.68 -47.36
C PRO C 315 33.06 -16.48 -46.89
N VAL C 316 33.10 -17.81 -47.04
CA VAL C 316 31.93 -18.64 -46.78
C VAL C 316 31.44 -18.44 -45.36
N THR C 317 32.34 -18.62 -44.38
CA THR C 317 31.98 -18.47 -42.98
C THR C 317 31.37 -17.09 -42.72
N TYR C 318 31.91 -16.05 -43.37
CA TYR C 318 31.35 -14.72 -43.21
C TYR C 318 29.89 -14.72 -43.64
N LEU C 319 29.64 -15.18 -44.86
CA LEU C 319 28.27 -15.36 -45.34
C LEU C 319 27.49 -16.20 -44.34
N ALA C 320 28.10 -17.29 -43.87
CA ALA C 320 27.43 -18.16 -42.91
C ALA C 320 27.04 -17.37 -41.67
N GLY C 321 27.99 -16.60 -41.12
CA GLY C 321 27.69 -15.78 -39.96
C GLY C 321 26.52 -14.85 -40.24
N LEU C 322 26.55 -14.19 -41.39
CA LEU C 322 25.46 -13.30 -41.79
C LEU C 322 24.15 -14.06 -41.80
N THR C 323 24.15 -15.25 -42.41
CA THR C 323 22.94 -16.04 -42.49
C THR C 323 22.42 -16.35 -41.09
N THR C 324 23.33 -16.67 -40.15
CA THR C 324 22.91 -16.92 -38.78
C THR C 324 22.14 -15.72 -38.24
N ILE C 325 22.73 -14.53 -38.38
CA ILE C 325 22.03 -13.31 -37.98
C ILE C 325 20.69 -13.23 -38.68
N MET C 326 20.72 -13.43 -40.00
CA MET C 326 19.49 -13.43 -40.79
C MET C 326 18.49 -14.40 -40.20
N GLY C 327 18.93 -15.63 -39.93
CA GLY C 327 18.06 -16.60 -39.31
C GLY C 327 17.50 -16.07 -38.00
N GLY C 328 18.38 -15.65 -37.10
CA GLY C 328 17.93 -15.09 -35.85
C GLY C 328 17.02 -13.91 -36.06
N TYR C 329 17.35 -13.07 -37.04
CA TYR C 329 16.51 -11.92 -37.35
C TYR C 329 15.12 -12.38 -37.73
N LEU C 330 15.05 -13.37 -38.64
CA LEU C 330 13.77 -13.90 -39.07
C LEU C 330 12.98 -14.42 -37.88
N TRP C 331 13.67 -15.02 -36.90
CA TRP C 331 12.98 -15.56 -35.74
C TRP C 331 12.20 -14.47 -35.04
N PHE C 332 12.86 -13.33 -34.77
CA PHE C 332 12.14 -12.22 -34.15
C PHE C 332 11.07 -11.70 -35.09
N LEU C 333 11.36 -11.67 -36.39
CA LEU C 333 10.35 -11.24 -37.36
C LEU C 333 9.18 -12.20 -37.41
N TYR C 334 9.36 -13.44 -36.96
CA TYR C 334 8.25 -14.37 -36.90
C TYR C 334 7.45 -14.23 -35.60
N ILE C 335 8.03 -13.61 -34.57
CA ILE C 335 7.29 -13.43 -33.33
C ILE C 335 6.16 -12.44 -33.51
N ASN C 336 6.50 -11.21 -33.86
CA ASN C 336 5.53 -10.12 -33.95
C ASN C 336 5.02 -9.97 -35.38
N ARG C 351 2.86 -16.73 -22.95
CA ARG C 351 1.87 -17.18 -23.92
C ARG C 351 1.81 -18.70 -23.99
N ARG C 352 2.96 -19.35 -23.79
CA ARG C 352 3.06 -20.80 -23.88
C ARG C 352 2.83 -21.49 -22.54
N GLN C 353 3.40 -20.94 -21.47
CA GLN C 353 3.24 -21.56 -20.16
C GLN C 353 1.81 -21.41 -19.63
N HIS C 354 1.08 -20.40 -20.09
CA HIS C 354 -0.36 -20.32 -19.82
C HIS C 354 -1.04 -21.62 -20.24
N ALA C 355 -0.71 -22.10 -21.45
CA ALA C 355 -1.30 -23.34 -21.95
C ALA C 355 -0.81 -24.54 -21.16
N LEU C 356 0.46 -24.53 -20.73
CA LEU C 356 0.97 -25.66 -19.95
C LEU C 356 0.28 -25.76 -18.61
N TYR C 357 -0.08 -24.62 -18.01
CA TYR C 357 -0.82 -24.65 -16.76
C TYR C 357 -2.29 -24.99 -16.99
N GLU C 358 -2.87 -24.50 -18.09
CA GLU C 358 -4.24 -24.89 -18.43
C GLU C 358 -4.35 -26.39 -18.62
N MET C 359 -3.31 -27.02 -19.18
CA MET C 359 -3.29 -28.47 -19.31
C MET C 359 -2.98 -29.14 -17.98
N LYS C 360 -2.14 -28.51 -17.16
CA LYS C 360 -1.84 -29.06 -15.84
C LYS C 360 -3.03 -28.90 -14.90
N GLY C 361 -3.82 -27.85 -15.08
CA GLY C 361 -4.95 -27.58 -14.22
C GLY C 361 -4.55 -26.82 -12.97
N PHE C 362 -3.79 -25.74 -13.16
CA PHE C 362 -3.31 -24.91 -12.06
C PHE C 362 -4.15 -23.64 -11.98
N ASP C 363 -4.25 -23.10 -10.76
CA ASP C 363 -5.07 -21.91 -10.48
C ASP C 363 -4.14 -20.80 -10.03
N ILE C 364 -4.09 -19.72 -10.81
CA ILE C 364 -3.21 -18.59 -10.53
C ILE C 364 -3.93 -17.52 -9.72
N GLU C 365 -5.17 -17.21 -10.10
CA GLU C 365 -5.94 -16.24 -9.33
C GLU C 365 -6.14 -16.70 -7.90
N ARG C 366 -6.48 -17.99 -7.72
CA ARG C 366 -6.60 -18.55 -6.38
C ARG C 366 -5.28 -18.44 -5.62
N TRP C 367 -4.17 -18.78 -6.28
CA TRP C 367 -2.86 -18.72 -5.65
C TRP C 367 -2.56 -17.31 -5.16
N GLU C 368 -2.75 -16.31 -6.02
CA GLU C 368 -2.46 -14.94 -5.65
C GLU C 368 -3.38 -14.46 -4.53
N GLN C 369 -4.64 -14.90 -4.57
CA GLN C 369 -5.57 -14.54 -3.51
C GLN C 369 -5.12 -15.11 -2.18
N LEU C 370 -4.70 -16.38 -2.17
CA LEU C 370 -4.16 -16.98 -0.96
C LEU C 370 -2.98 -16.19 -0.44
N VAL C 371 -2.07 -15.82 -1.33
CA VAL C 371 -0.85 -15.11 -0.91
C VAL C 371 -1.21 -13.77 -0.28
N GLN C 372 -2.10 -13.02 -0.92
CA GLN C 372 -2.43 -11.70 -0.42
C GLN C 372 -3.21 -11.78 0.88
N ASP C 373 -4.10 -12.76 1.00
CA ASP C 373 -4.83 -12.94 2.25
C ASP C 373 -3.86 -13.28 3.38
N ALA C 374 -2.89 -14.16 3.10
CA ALA C 374 -1.88 -14.51 4.09
C ALA C 374 -1.11 -13.28 4.53
N ASN C 375 -0.68 -12.45 3.58
CA ASN C 375 0.09 -11.28 3.94
C ASN C 375 -0.72 -10.30 4.77
N ALA C 376 -1.98 -10.07 4.38
CA ALA C 376 -2.83 -9.16 5.15
C ALA C 376 -3.05 -9.68 6.56
N LEU C 377 -3.21 -10.99 6.71
CA LEU C 377 -3.44 -11.56 8.03
C LEU C 377 -2.17 -11.49 8.87
N ARG C 378 -1.01 -11.67 8.25
CA ARG C 378 0.26 -11.43 8.95
C ARG C 378 0.32 -10.00 9.46
N ARG C 379 -0.09 -9.05 8.64
CA ARG C 379 -0.04 -7.64 9.05
C ARG C 379 -0.99 -7.39 10.21
N GLU C 380 -2.17 -8.01 10.19
CA GLU C 380 -3.11 -7.88 11.31
C GLU C 380 -2.49 -8.44 12.59
N ILE C 381 -1.88 -9.62 12.48
CA ILE C 381 -1.23 -10.23 13.64
C ILE C 381 -0.14 -9.33 14.18
N ARG C 382 0.66 -8.74 13.29
CA ARG C 382 1.77 -7.92 13.76
C ARG C 382 1.27 -6.62 14.38
N VAL C 383 0.16 -6.10 13.87
CA VAL C 383 -0.45 -4.92 14.49
C VAL C 383 -0.86 -5.23 15.92
N ILE C 384 -1.66 -6.30 16.10
CA ILE C 384 -2.09 -6.62 17.46
C ILE C 384 -0.92 -7.06 18.34
N ALA C 385 0.18 -7.52 17.73
CA ALA C 385 1.39 -7.79 18.48
C ALA C 385 2.04 -6.51 18.97
N VAL C 386 1.97 -5.45 18.17
CA VAL C 386 2.42 -4.14 18.63
C VAL C 386 1.54 -3.65 19.76
N GLU C 387 0.24 -3.92 19.66
CA GLU C 387 -0.68 -3.50 20.72
C GLU C 387 -0.30 -4.16 22.04
N TYR C 388 -0.10 -5.46 22.02
CA TYR C 388 0.50 -6.20 23.13
C TYR C 388 2.01 -6.09 23.01
N ASP C 389 2.75 -6.96 23.70
CA ASP C 389 4.19 -7.02 23.53
C ASP C 389 4.59 -7.46 22.13
N VAL C 390 5.68 -6.89 21.64
CA VAL C 390 6.24 -7.12 20.31
C VAL C 390 7.06 -8.40 20.26
N ASP C 391 7.60 -8.71 19.07
CA ASP C 391 8.48 -9.84 18.86
C ASP C 391 7.77 -11.19 18.97
N TRP C 392 6.84 -11.41 18.05
CA TRP C 392 6.11 -12.68 17.96
C TRP C 392 6.82 -13.73 17.12
N ASP C 393 7.89 -13.38 16.42
CA ASP C 393 8.83 -14.36 15.84
C ASP C 393 8.14 -15.31 14.87
N GLU C 394 7.72 -14.74 13.74
CA GLU C 394 7.01 -15.52 12.73
C GLU C 394 7.83 -16.71 12.25
N THR C 395 9.13 -16.51 12.04
CA THR C 395 9.96 -17.58 11.51
C THR C 395 10.10 -18.72 12.50
N ARG C 396 10.11 -18.43 13.80
CA ARG C 396 10.25 -19.46 14.80
C ARG C 396 9.01 -20.34 14.86
N ASP C 397 7.86 -19.74 15.16
CA ASP C 397 6.61 -20.48 15.28
C ASP C 397 5.98 -20.69 13.90
N ALA D 63 -5.16 14.42 45.08
CA ALA D 63 -4.96 15.84 44.79
C ALA D 63 -4.60 16.04 43.32
N LYS D 64 -3.75 15.15 42.81
CA LYS D 64 -3.26 15.22 41.45
C LYS D 64 -3.77 14.02 40.65
N GLY D 65 -3.78 14.18 39.33
CA GLY D 65 -4.11 13.13 38.41
C GLY D 65 -2.94 12.87 37.46
N LYS D 66 -3.24 12.12 36.41
CA LYS D 66 -2.20 11.76 35.45
C LYS D 66 -2.80 11.49 34.08
N LEU D 67 -1.96 11.66 33.08
CA LEU D 67 -2.22 11.24 31.71
C LEU D 67 -1.06 10.37 31.26
N LEU D 68 -1.37 9.33 30.51
CA LEU D 68 -0.38 8.32 30.15
C LEU D 68 -0.57 7.93 28.70
N THR D 69 0.50 7.41 28.12
CA THR D 69 0.54 7.02 26.72
C THR D 69 0.45 5.51 26.61
N THR D 70 -0.28 5.05 25.63
CA THR D 70 -0.42 3.65 25.27
C THR D 70 0.30 3.39 23.96
N PRO D 71 0.59 2.12 23.64
CA PRO D 71 1.21 1.86 22.35
C PRO D 71 0.25 2.03 21.19
N THR D 72 -1.06 1.91 21.42
CA THR D 72 -2.04 1.92 20.34
C THR D 72 -2.60 3.29 20.05
N ARG D 73 -1.74 4.31 20.01
CA ARG D 73 -2.09 5.72 19.80
C ARG D 73 -3.41 6.13 20.45
N LEU D 74 -3.66 5.63 21.65
CA LEU D 74 -4.75 6.08 22.50
C LEU D 74 -4.14 6.59 23.79
N LEU D 75 -4.86 7.46 24.47
CA LEU D 75 -4.38 8.08 25.70
C LEU D 75 -5.16 7.56 26.88
N LYS D 76 -4.46 7.42 28.00
CA LYS D 76 -4.96 6.76 29.19
C LYS D 76 -5.01 7.82 30.29
N LEU D 77 -6.20 8.37 30.51
CA LEU D 77 -6.39 9.38 31.52
C LEU D 77 -6.70 8.71 32.85
N ILE D 78 -6.20 9.30 33.93
CA ILE D 78 -6.41 8.79 35.28
C ILE D 78 -6.68 9.99 36.18
N LEU D 79 -7.77 9.92 36.95
CA LEU D 79 -8.29 11.07 37.67
C LEU D 79 -8.60 10.70 39.12
N PRO D 80 -8.21 11.54 40.10
CA PRO D 80 -8.66 11.26 41.48
C PRO D 80 -10.11 11.70 41.68
N LEU D 81 -11.02 10.86 41.18
CA LEU D 81 -12.43 11.15 41.16
C LEU D 81 -13.17 10.17 42.07
N PRO D 82 -14.26 10.58 42.73
CA PRO D 82 -14.97 9.56 43.51
C PRO D 82 -15.72 8.57 42.64
N ILE D 108 -11.53 9.23 46.02
CA ILE D 108 -10.42 8.44 46.56
C ILE D 108 -10.03 7.35 45.56
N GLN D 109 -11.01 6.54 45.16
CA GLN D 109 -10.77 5.49 44.18
C GLN D 109 -10.75 6.12 42.78
N PRO D 110 -9.60 6.27 42.12
CA PRO D 110 -9.56 7.07 40.90
C PRO D 110 -10.29 6.40 39.75
N LEU D 111 -10.76 7.25 38.84
CA LEU D 111 -11.34 6.81 37.58
C LEU D 111 -10.25 6.77 36.52
N ALA D 112 -10.50 5.99 35.47
CA ALA D 112 -9.55 5.85 34.39
C ALA D 112 -10.26 5.64 33.08
N LEU D 113 -9.77 6.31 32.05
CA LEU D 113 -10.46 6.42 30.77
C LEU D 113 -9.47 6.23 29.64
N LEU D 114 -10.00 5.82 28.50
CA LEU D 114 -9.24 5.71 27.27
C LEU D 114 -9.86 6.61 26.21
N ILE D 115 -9.02 7.44 25.59
CA ILE D 115 -9.46 8.48 24.69
C ILE D 115 -8.67 8.36 23.40
N HIS D 116 -9.37 8.37 22.29
CA HIS D 116 -8.73 8.43 20.99
C HIS D 116 -8.38 9.89 20.68
N PRO D 117 -7.17 10.18 20.19
CA PRO D 117 -6.71 11.58 20.19
C PRO D 117 -7.55 12.47 19.30
N GLN D 118 -8.09 11.95 18.22
CA GLN D 118 -8.95 12.72 17.34
C GLN D 118 -10.32 13.00 17.93
N GLN D 119 -10.66 12.38 19.05
CA GLN D 119 -11.93 12.69 19.67
C GLN D 119 -11.89 14.09 20.30
N PRO D 120 -13.04 14.73 20.47
CA PRO D 120 -13.07 16.00 21.17
C PRO D 120 -13.29 15.84 22.66
N LEU D 121 -13.00 16.91 23.39
CA LEU D 121 -13.12 16.89 24.84
C LEU D 121 -14.55 16.76 25.31
N SER D 122 -15.53 17.01 24.44
CA SER D 122 -16.92 16.84 24.85
C SER D 122 -17.23 15.38 25.14
N TYR D 123 -16.52 14.47 24.49
CA TYR D 123 -16.60 13.06 24.86
C TYR D 123 -16.25 12.87 26.32
N VAL D 124 -15.15 13.47 26.74
CA VAL D 124 -14.70 13.37 28.11
C VAL D 124 -15.69 14.03 29.06
N GLU D 125 -16.24 15.18 28.65
CA GLU D 125 -17.20 15.88 29.48
C GLU D 125 -18.44 15.03 29.70
N ARG D 126 -18.99 14.49 28.62
CA ARG D 126 -20.14 13.60 28.71
C ARG D 126 -19.84 12.41 29.61
N LEU D 127 -18.66 11.82 29.43
CA LEU D 127 -18.33 10.61 30.16
C LEU D 127 -18.12 10.86 31.64
N ILE D 128 -17.54 11.99 32.00
CA ILE D 128 -17.37 12.33 33.41
C ILE D 128 -18.70 12.76 34.04
N GLN D 129 -19.55 13.45 33.27
CA GLN D 129 -20.92 13.67 33.72
C GLN D 129 -21.60 12.37 34.07
N ALA D 130 -21.42 11.35 33.22
CA ALA D 130 -21.96 10.04 33.54
C ALA D 130 -21.30 9.45 34.77
N GLU D 131 -20.02 9.75 34.98
CA GLU D 131 -19.30 9.23 36.14
C GLU D 131 -19.62 10.02 37.41
N LEU D 132 -20.02 11.28 37.27
CA LEU D 132 -20.26 12.14 38.43
C LEU D 132 -21.72 12.06 38.85
N PRO D 133 -22.05 12.58 40.03
CA PRO D 133 -23.45 12.58 40.48
C PRO D 133 -24.18 13.79 39.93
N PRO D 134 -25.50 13.86 40.11
CA PRO D 134 -26.25 15.02 39.63
C PRO D 134 -26.10 16.21 40.57
N VAL D 135 -26.64 17.34 40.13
CA VAL D 135 -26.57 18.58 40.89
C VAL D 135 -27.42 19.66 40.22
N LYS D 142 -30.45 18.96 35.95
CA LYS D 142 -29.51 19.26 37.02
C LYS D 142 -28.18 18.54 36.79
N ILE D 143 -27.60 18.78 35.62
CA ILE D 143 -26.37 18.10 35.21
C ILE D 143 -25.21 19.08 35.46
N PRO D 144 -24.03 18.62 35.92
CA PRO D 144 -22.92 19.55 36.10
C PRO D 144 -22.37 20.04 34.77
N ASN D 145 -21.39 20.94 34.89
CA ASN D 145 -20.65 21.48 33.76
C ASN D 145 -19.16 21.26 34.01
N VAL D 146 -18.39 21.29 32.94
CA VAL D 146 -16.96 20.96 32.99
C VAL D 146 -16.19 21.99 32.16
N TYR D 147 -14.96 22.28 32.60
CA TYR D 147 -14.08 23.20 31.91
C TYR D 147 -12.67 22.66 31.94
N PHE D 148 -12.01 22.65 30.78
CA PHE D 148 -10.61 22.29 30.66
C PHE D 148 -9.78 23.55 30.50
N ARG D 149 -8.62 23.59 31.14
CA ARG D 149 -7.82 24.80 31.22
C ARG D 149 -6.34 24.50 31.05
N ALA D 150 -5.65 25.36 30.30
CA ALA D 150 -4.21 25.30 30.15
C ALA D 150 -3.51 26.00 31.32
N TRP D 205 -3.46 31.92 31.86
CA TRP D 205 -4.29 30.81 32.32
C TRP D 205 -5.67 30.91 31.68
N VAL D 206 -5.99 29.95 30.82
CA VAL D 206 -7.11 30.04 29.90
C VAL D 206 -7.93 28.76 30.00
N ARG D 207 -9.18 28.84 29.57
CA ARG D 207 -10.03 27.67 29.37
C ARG D 207 -10.31 27.49 27.88
N TRP D 208 -10.30 26.25 27.44
CA TRP D 208 -10.50 25.90 26.04
C TRP D 208 -11.94 25.47 25.80
N SER D 209 -12.26 25.30 24.52
CA SER D 209 -13.60 24.89 24.13
C SER D 209 -13.71 23.37 24.16
N SER D 210 -14.95 22.90 24.14
CA SER D 210 -15.23 21.48 24.20
C SER D 210 -15.27 20.82 22.83
N SER D 211 -14.80 21.50 21.80
CA SER D 211 -14.80 20.98 20.43
C SER D 211 -13.40 20.98 19.83
N THR D 212 -12.36 20.98 20.66
CA THR D 212 -10.99 20.84 20.20
C THR D 212 -10.58 19.38 20.26
N GLU D 213 -9.79 18.97 19.27
CA GLU D 213 -9.22 17.64 19.30
C GLU D 213 -8.15 17.58 20.39
N MET D 214 -7.99 16.38 20.95
CA MET D 214 -7.13 16.20 22.11
C MET D 214 -5.67 16.57 21.81
N GLY D 215 -5.25 16.40 20.56
CA GLY D 215 -3.85 16.60 20.21
C GLY D 215 -3.40 18.03 20.42
N ASP D 216 -4.19 18.99 19.93
CA ASP D 216 -3.80 20.40 20.06
C ASP D 216 -3.81 20.83 21.52
N PHE D 217 -4.80 20.37 22.28
CA PHE D 217 -4.85 20.65 23.70
C PHE D 217 -3.60 20.14 24.40
N ILE D 218 -3.10 18.97 23.98
CA ILE D 218 -1.92 18.42 24.63
C ILE D 218 -0.66 19.15 24.21
N ARG D 219 -0.59 19.57 22.94
CA ARG D 219 0.50 20.44 22.51
C ARG D 219 0.59 21.67 23.40
N ASP D 220 -0.56 22.33 23.61
CA ASP D 220 -0.58 23.52 24.44
C ASP D 220 -0.20 23.19 25.88
N ALA D 221 -0.72 22.09 26.42
CA ALA D 221 -0.44 21.75 27.82
C ALA D 221 1.01 21.35 28.01
N ALA D 222 1.64 20.77 26.98
CA ALA D 222 3.06 20.47 27.05
C ALA D 222 3.87 21.74 26.97
N ARG D 223 3.38 22.73 26.22
CA ARG D 223 3.92 24.08 26.34
C ARG D 223 3.85 24.56 27.79
N GLY D 224 2.79 24.19 28.49
CA GLY D 224 2.65 24.49 29.91
C GLY D 224 3.14 23.39 30.84
N ARG D 225 3.32 22.17 30.31
CA ARG D 225 3.79 21.00 31.05
C ARG D 225 2.74 20.43 32.00
N GLU D 226 1.52 20.98 32.03
CA GLU D 226 0.44 20.45 32.86
C GLU D 226 -0.84 21.22 32.55
N PHE D 227 -2.00 20.58 32.65
CA PHE D 227 -3.28 21.26 32.45
C PHE D 227 -4.15 21.04 33.68
N ALA D 228 -5.41 21.47 33.59
CA ALA D 228 -6.28 21.42 34.75
C ALA D 228 -7.74 21.35 34.33
N ILE D 229 -8.57 21.02 35.31
CA ILE D 229 -10.01 20.85 35.13
C ILE D 229 -10.72 21.60 36.24
N GLU D 230 -11.86 22.21 35.88
CA GLU D 230 -12.74 22.88 36.82
C GLU D 230 -14.16 22.38 36.61
N ILE D 231 -14.92 22.29 37.69
CA ILE D 231 -16.30 21.81 37.69
C ILE D 231 -17.16 22.87 38.38
N GLU D 232 -18.43 22.92 37.98
CA GLU D 232 -19.40 23.96 38.44
C GLU D 232 -19.67 23.90 39.95
N GLY D 233 -19.82 22.71 40.53
CA GLY D 233 -20.19 22.56 41.95
C GLY D 233 -19.05 22.26 42.92
N TYR D 234 -18.03 21.50 42.52
CA TYR D 234 -16.95 21.04 43.42
C TYR D 234 -16.05 22.21 43.77
N ASN D 235 -15.82 23.11 42.81
CA ASN D 235 -14.90 24.27 42.92
C ASN D 235 -13.50 23.73 43.25
N ILE D 236 -13.11 22.66 42.55
CA ILE D 236 -11.83 21.91 42.71
C ILE D 236 -11.01 22.14 41.44
N GLU D 237 -9.78 22.61 41.63
CA GLU D 237 -8.81 22.93 40.59
C GLU D 237 -7.96 21.68 40.38
N MET D 238 -8.51 20.74 39.61
CA MET D 238 -7.86 19.45 39.42
C MET D 238 -6.75 19.56 38.39
N ARG D 239 -5.51 19.68 38.83
CA ARG D 239 -4.37 19.77 37.92
C ARG D 239 -3.94 18.36 37.55
N VAL D 240 -3.56 18.17 36.29
CA VAL D 240 -3.18 16.88 35.74
C VAL D 240 -1.91 17.06 34.93
N SER D 241 -1.03 16.07 35.02
CA SER D 241 0.24 16.08 34.31
C SER D 241 0.03 15.61 32.87
N VAL D 242 1.09 15.77 32.08
CA VAL D 242 1.03 15.54 30.64
C VAL D 242 2.31 14.80 30.25
N PRO D 243 2.28 13.89 29.28
CA PRO D 243 3.54 13.30 28.82
C PRO D 243 4.39 14.30 28.06
N SER D 244 5.70 14.18 28.23
CA SER D 244 6.63 14.94 27.42
C SER D 244 6.76 14.29 26.06
N PHE D 245 7.72 14.77 25.28
CA PHE D 245 7.99 14.18 23.97
C PHE D 245 8.42 12.71 24.12
N GLY D 246 9.49 12.48 24.87
CA GLY D 246 9.95 11.12 25.09
C GLY D 246 8.92 10.26 25.79
N ASP D 247 8.13 10.86 26.68
CA ASP D 247 7.08 10.11 27.36
C ASP D 247 6.06 9.56 26.38
N ARG D 248 5.90 10.20 25.23
CA ARG D 248 5.02 9.69 24.19
C ARG D 248 5.76 8.75 23.25
N THR D 249 6.99 9.09 22.88
CA THR D 249 7.73 8.32 21.90
C THR D 249 8.48 7.13 22.48
N TYR D 250 8.27 6.82 23.77
CA TYR D 250 9.03 5.75 24.41
C TYR D 250 8.87 4.41 23.70
N TYR D 251 7.63 3.95 23.54
CA TYR D 251 7.40 2.64 22.93
C TYR D 251 7.88 2.61 21.49
N MET D 252 7.63 3.69 20.75
CA MET D 252 8.02 3.76 19.36
C MET D 252 9.54 3.68 19.23
N ARG D 253 10.26 4.42 20.07
CA ARG D 253 11.71 4.41 20.02
C ARG D 253 12.27 3.07 20.47
N GLN D 254 11.60 2.39 21.40
CA GLN D 254 12.05 1.05 21.80
C GLN D 254 11.94 0.08 20.63
N ARG D 255 10.80 0.11 19.94
CA ARG D 255 10.64 -0.70 18.73
C ARG D 255 11.72 -0.37 17.72
N LEU D 256 12.01 0.92 17.55
CA LEU D 256 13.04 1.34 16.60
C LEU D 256 14.40 0.78 16.98
N ARG D 257 14.75 0.84 18.26
CA ARG D 257 16.06 0.35 18.69
C ARG D 257 16.21 -1.14 18.43
N LYS D 258 15.16 -1.92 18.75
CA LYS D 258 15.23 -3.35 18.49
C LYS D 258 15.41 -3.62 17.00
N MET D 259 14.55 -3.01 16.18
CA MET D 259 14.59 -3.23 14.74
C MET D 259 15.94 -2.80 14.17
N SER D 260 16.51 -1.73 14.71
CA SER D 260 17.75 -1.18 14.18
C SER D 260 18.95 -2.04 14.56
N SER D 261 18.96 -2.61 15.76
CA SER D 261 20.03 -3.54 16.12
C SER D 261 19.99 -4.76 15.22
N GLU D 262 18.78 -5.30 14.99
CA GLU D 262 18.65 -6.44 14.06
C GLU D 262 19.17 -6.07 12.67
N ILE D 263 18.80 -4.88 12.19
CA ILE D 263 19.23 -4.43 10.87
C ILE D 263 20.74 -4.23 10.83
N ASP D 264 21.34 -3.81 11.94
CA ASP D 264 22.78 -3.64 11.97
C ASP D 264 23.48 -4.98 11.82
N GLY D 265 22.97 -6.01 12.50
CA GLY D 265 23.52 -7.35 12.30
C GLY D 265 23.40 -7.81 10.86
N LEU D 266 22.20 -7.64 10.28
CA LEU D 266 22.01 -8.03 8.89
C LEU D 266 22.95 -7.26 7.96
N ALA D 267 23.21 -5.99 8.27
CA ALA D 267 24.07 -5.18 7.42
C ALA D 267 25.51 -5.65 7.51
N LYS D 268 25.97 -6.05 8.71
CA LYS D 268 27.28 -6.65 8.84
C LYS D 268 27.40 -7.88 7.94
N ILE D 269 26.39 -8.76 8.00
CA ILE D 269 26.38 -9.96 7.17
C ILE D 269 26.50 -9.60 5.70
N LYS D 270 25.62 -8.71 5.24
CA LYS D 270 25.57 -8.38 3.82
C LYS D 270 26.87 -7.75 3.36
N HIS D 271 27.43 -6.83 4.16
CA HIS D 271 28.66 -6.15 3.77
C HIS D 271 29.81 -7.14 3.65
N GLU D 272 29.94 -8.06 4.62
CA GLU D 272 31.04 -9.01 4.58
C GLU D 272 30.94 -9.89 3.34
N CYS D 273 29.79 -10.53 3.13
CA CYS D 273 29.68 -11.44 1.98
C CYS D 273 29.75 -10.70 0.65
N ASP D 274 29.27 -9.45 0.61
CA ASP D 274 29.40 -8.67 -0.60
C ASP D 274 30.86 -8.40 -0.93
N LEU D 275 31.67 -8.05 0.06
CA LEU D 275 33.09 -7.85 -0.18
C LEU D 275 33.76 -9.14 -0.61
N LEU D 276 33.33 -10.27 -0.08
CA LEU D 276 33.83 -11.57 -0.53
C LEU D 276 33.62 -11.73 -2.04
N ALA D 277 32.37 -11.59 -2.48
CA ALA D 277 32.07 -11.74 -3.91
C ALA D 277 32.82 -10.71 -4.74
N HIS D 278 32.98 -9.50 -4.20
CA HIS D 278 33.72 -8.43 -4.87
C HIS D 278 35.15 -8.86 -5.16
N ARG D 279 35.85 -9.35 -4.13
CA ARG D 279 37.22 -9.79 -4.31
C ARG D 279 37.32 -10.94 -5.31
N SER D 280 36.37 -11.89 -5.23
CA SER D 280 36.39 -13.01 -6.17
C SER D 280 36.28 -12.53 -7.60
N ALA D 281 35.28 -11.68 -7.87
CA ALA D 281 35.06 -11.19 -9.23
C ALA D 281 36.25 -10.39 -9.74
N HIS D 282 36.89 -9.62 -8.86
CA HIS D 282 38.01 -8.79 -9.34
C HIS D 282 39.27 -9.60 -9.56
N ARG D 283 39.51 -10.64 -8.75
CA ARG D 283 40.59 -11.57 -9.08
C ARG D 283 40.36 -12.22 -10.44
N LEU D 284 39.11 -12.63 -10.69
CA LEU D 284 38.78 -13.20 -12.00
C LEU D 284 39.04 -12.21 -13.12
N ALA D 285 38.64 -10.96 -12.94
CA ALA D 285 38.83 -9.95 -13.98
C ALA D 285 40.31 -9.68 -14.22
N LYS D 286 41.11 -9.70 -13.15
CA LYS D 286 42.55 -9.56 -13.32
C LYS D 286 43.11 -10.69 -14.17
N GLY D 287 42.69 -11.93 -13.91
CA GLY D 287 43.12 -13.03 -14.74
C GLY D 287 42.70 -12.89 -16.19
N GLY D 288 41.48 -12.40 -16.42
CA GLY D 288 41.03 -12.19 -17.78
C GLY D 288 41.84 -11.14 -18.52
N PHE D 289 42.13 -10.03 -17.85
CA PHE D 289 42.97 -9.00 -18.46
C PHE D 289 44.37 -9.55 -18.76
N GLY D 290 44.88 -10.41 -17.88
CA GLY D 290 46.16 -11.03 -18.15
C GLY D 290 46.13 -11.89 -19.40
N LEU D 291 45.07 -12.69 -19.57
CA LEU D 291 44.91 -13.47 -20.79
C LEU D 291 44.86 -12.56 -22.01
N LEU D 292 44.16 -11.43 -21.89
CA LEU D 292 44.04 -10.51 -23.02
C LEU D 292 45.39 -9.96 -23.42
N ALA D 293 46.16 -9.49 -22.44
CA ALA D 293 47.49 -8.93 -22.74
C ALA D 293 48.40 -9.99 -23.33
N GLY D 294 48.33 -11.23 -22.82
CA GLY D 294 49.11 -12.31 -23.40
C GLY D 294 48.75 -12.54 -24.86
N TRP D 295 47.45 -12.57 -25.17
CA TRP D 295 47.02 -12.77 -26.55
C TRP D 295 47.51 -11.64 -27.45
N TRP D 296 47.44 -10.41 -26.96
CA TRP D 296 47.86 -9.26 -27.77
C TRP D 296 49.35 -9.33 -28.09
N GLY D 297 50.16 -9.58 -27.06
CA GLY D 297 51.59 -9.71 -27.29
C GLY D 297 51.91 -10.87 -28.22
N VAL D 298 51.17 -11.97 -28.08
CA VAL D 298 51.37 -13.13 -28.95
C VAL D 298 51.16 -12.72 -30.40
N VAL D 299 50.00 -12.15 -30.71
CA VAL D 299 49.68 -11.85 -32.11
C VAL D 299 50.65 -10.83 -32.67
N TYR D 300 51.08 -9.87 -31.85
CA TYR D 300 52.03 -8.87 -32.34
C TYR D 300 53.36 -9.51 -32.68
N TYR D 301 53.99 -10.16 -31.69
CA TYR D 301 55.30 -10.75 -31.90
C TYR D 301 55.29 -11.87 -32.92
N VAL D 302 54.13 -12.46 -33.20
CA VAL D 302 54.03 -13.49 -34.23
C VAL D 302 53.89 -12.88 -35.60
N THR D 303 52.91 -12.00 -35.81
CA THR D 303 52.65 -11.49 -37.15
C THR D 303 53.79 -10.59 -37.62
N PHE D 304 54.47 -9.92 -36.70
CA PHE D 304 55.48 -8.92 -37.07
C PHE D 304 56.92 -9.39 -36.85
N HIS D 305 57.12 -10.47 -36.08
CA HIS D 305 58.44 -10.97 -35.77
C HIS D 305 58.49 -12.50 -35.80
N THR D 306 57.79 -13.10 -36.76
CA THR D 306 57.83 -14.53 -36.97
C THR D 306 57.63 -14.81 -38.45
N GLU D 307 58.28 -15.86 -38.95
CA GLU D 307 58.25 -16.20 -40.36
C GLU D 307 56.91 -16.72 -40.84
N PHE D 308 55.94 -16.95 -39.94
CA PHE D 308 54.64 -17.43 -40.37
C PHE D 308 53.86 -16.33 -41.07
N GLY D 309 53.60 -15.23 -40.36
CA GLY D 309 52.88 -14.10 -40.92
C GLY D 309 51.39 -14.18 -40.66
N TRP D 310 50.70 -13.12 -41.10
CA TRP D 310 49.27 -13.03 -40.91
C TRP D 310 48.52 -14.16 -41.61
N ASP D 311 49.10 -14.73 -42.65
CA ASP D 311 48.42 -15.78 -43.41
C ASP D 311 48.05 -16.96 -42.55
N LEU D 312 48.92 -17.32 -41.60
CA LEU D 312 48.70 -18.44 -40.71
C LEU D 312 48.08 -18.08 -39.37
N VAL D 313 47.73 -16.81 -39.17
CA VAL D 313 47.36 -16.26 -37.87
C VAL D 313 45.88 -15.91 -37.80
N GLU D 314 45.34 -15.30 -38.86
CA GLU D 314 43.90 -15.05 -38.94
C GLU D 314 43.05 -16.29 -38.64
N PRO D 315 43.33 -17.47 -39.19
CA PRO D 315 42.54 -18.64 -38.80
C PRO D 315 42.65 -18.94 -37.33
N VAL D 316 43.83 -18.71 -36.75
CA VAL D 316 44.05 -18.99 -35.34
C VAL D 316 43.16 -18.12 -34.49
N THR D 317 43.14 -16.81 -34.76
CA THR D 317 42.36 -15.92 -33.92
C THR D 317 40.87 -16.04 -34.20
N TYR D 318 40.48 -16.44 -35.41
CA TYR D 318 39.08 -16.71 -35.67
C TYR D 318 38.60 -17.91 -34.86
N LEU D 319 39.35 -19.02 -34.94
CA LEU D 319 39.05 -20.17 -34.12
C LEU D 319 39.06 -19.82 -32.64
N ALA D 320 39.96 -18.91 -32.25
CA ALA D 320 40.03 -18.49 -30.85
C ALA D 320 38.77 -17.75 -30.45
N GLY D 321 38.30 -16.83 -31.29
CA GLY D 321 37.07 -16.12 -30.98
C GLY D 321 35.88 -17.05 -30.87
N LEU D 322 35.80 -18.03 -31.78
CA LEU D 322 34.68 -18.96 -31.70
C LEU D 322 34.79 -19.85 -30.48
N THR D 323 36.01 -20.22 -30.09
CA THR D 323 36.17 -21.02 -28.88
C THR D 323 35.85 -20.22 -27.63
N THR D 324 36.15 -18.92 -27.63
CA THR D 324 35.77 -18.08 -26.51
C THR D 324 34.27 -17.92 -26.43
N ILE D 325 33.60 -17.81 -27.57
CA ILE D 325 32.14 -17.75 -27.56
C ILE D 325 31.56 -19.07 -27.08
N MET D 326 32.18 -20.19 -27.48
CA MET D 326 31.72 -21.49 -27.00
C MET D 326 31.92 -21.62 -25.49
N GLY D 327 33.03 -21.09 -24.98
CA GLY D 327 33.26 -21.11 -23.54
C GLY D 327 32.27 -20.26 -22.79
N GLY D 328 31.96 -19.07 -23.31
CA GLY D 328 30.94 -18.24 -22.70
C GLY D 328 29.57 -18.91 -22.73
N TYR D 329 29.28 -19.62 -23.82
CA TYR D 329 28.01 -20.32 -23.94
C TYR D 329 27.93 -21.45 -22.91
N LEU D 330 28.99 -22.24 -22.81
CA LEU D 330 29.09 -23.25 -21.76
C LEU D 330 28.96 -22.64 -20.38
N TRP D 331 29.45 -21.42 -20.19
CA TRP D 331 29.32 -20.76 -18.89
C TRP D 331 27.87 -20.37 -18.63
N PHE D 332 27.19 -19.81 -19.63
CA PHE D 332 25.77 -19.48 -19.46
C PHE D 332 24.97 -20.72 -19.11
N LEU D 333 25.34 -21.87 -19.67
CA LEU D 333 24.64 -23.11 -19.34
C LEU D 333 25.14 -23.71 -18.02
N TYR D 334 26.34 -23.35 -17.58
CA TYR D 334 26.82 -23.72 -16.26
C TYR D 334 26.05 -22.98 -15.18
N ILE D 335 25.63 -21.76 -15.46
CA ILE D 335 24.69 -21.05 -14.58
C ILE D 335 23.42 -21.87 -14.43
N ASN D 336 22.74 -22.11 -15.55
CA ASN D 336 21.45 -22.80 -15.55
C ASN D 336 21.63 -24.30 -15.77
N ARG D 351 24.40 -12.29 -8.64
CA ARG D 351 23.98 -13.65 -8.94
C ARG D 351 24.52 -14.61 -7.89
N ARG D 352 25.84 -14.66 -7.75
CA ARG D 352 26.45 -15.49 -6.72
C ARG D 352 26.14 -14.97 -5.32
N GLN D 353 25.86 -13.68 -5.20
CA GLN D 353 25.51 -13.09 -3.91
C GLN D 353 24.28 -13.77 -3.30
N HIS D 354 23.31 -14.15 -4.14
CA HIS D 354 22.11 -14.80 -3.63
C HIS D 354 22.43 -16.18 -3.06
N ALA D 355 23.32 -16.91 -3.72
CA ALA D 355 23.72 -18.21 -3.20
C ALA D 355 24.53 -18.05 -1.92
N LEU D 356 25.39 -17.03 -1.86
CA LEU D 356 26.13 -16.76 -0.64
C LEU D 356 25.16 -16.44 0.50
N TYR D 357 24.10 -15.69 0.21
CA TYR D 357 23.08 -15.42 1.21
C TYR D 357 22.42 -16.71 1.69
N GLU D 358 21.95 -17.52 0.73
CA GLU D 358 21.21 -18.73 1.08
C GLU D 358 22.08 -19.70 1.88
N MET D 359 23.36 -19.77 1.57
CA MET D 359 24.26 -20.66 2.29
C MET D 359 24.71 -20.05 3.62
N LYS D 360 24.64 -18.73 3.75
CA LYS D 360 25.07 -18.05 4.97
C LYS D 360 23.90 -17.78 5.92
N GLY D 361 22.68 -17.63 5.40
CA GLY D 361 21.50 -17.42 6.21
C GLY D 361 20.83 -16.08 6.04
N PHE D 362 21.43 -15.14 5.33
CA PHE D 362 20.84 -13.83 5.11
C PHE D 362 19.49 -13.95 4.40
N ASP D 363 18.61 -12.99 4.66
CA ASP D 363 17.29 -12.92 4.05
C ASP D 363 17.05 -11.51 3.55
N ILE D 364 16.21 -11.38 2.53
CA ILE D 364 16.00 -10.12 1.82
C ILE D 364 14.60 -9.58 2.06
N GLU D 365 13.58 -10.42 1.87
CA GLU D 365 12.21 -9.98 2.12
C GLU D 365 12.05 -9.53 3.56
N ARG D 366 12.61 -10.28 4.51
CA ARG D 366 12.61 -9.85 5.89
C ARG D 366 13.41 -8.56 6.06
N TRP D 367 14.55 -8.46 5.38
CA TRP D 367 15.40 -7.28 5.49
C TRP D 367 14.65 -6.03 5.05
N GLU D 368 14.11 -6.04 3.84
CA GLU D 368 13.39 -4.87 3.34
C GLU D 368 12.13 -4.63 4.14
N GLN D 369 11.49 -5.68 4.66
CA GLN D 369 10.33 -5.48 5.52
C GLN D 369 10.70 -4.70 6.77
N LEU D 370 11.77 -5.11 7.44
CA LEU D 370 12.23 -4.41 8.64
C LEU D 370 12.59 -2.96 8.31
N VAL D 371 13.32 -2.76 7.21
CA VAL D 371 13.73 -1.42 6.84
C VAL D 371 12.53 -0.54 6.55
N GLN D 372 11.55 -1.05 5.82
CA GLN D 372 10.38 -0.26 5.46
C GLN D 372 9.60 0.13 6.71
N ASP D 373 9.36 -0.83 7.60
CA ASP D 373 8.66 -0.53 8.85
C ASP D 373 9.43 0.50 9.66
N ALA D 374 10.75 0.37 9.71
CA ALA D 374 11.56 1.29 10.50
C ALA D 374 11.53 2.70 9.91
N ASN D 375 11.52 2.82 8.59
CA ASN D 375 11.48 4.14 7.99
C ASN D 375 10.13 4.80 8.22
N ALA D 376 9.05 4.04 8.11
CA ALA D 376 7.73 4.58 8.44
C ALA D 376 7.69 5.03 9.90
N LEU D 377 8.32 4.25 10.79
CA LEU D 377 8.41 4.64 12.19
C LEU D 377 9.14 5.96 12.35
N ARG D 378 10.29 6.09 11.69
CA ARG D 378 11.06 7.33 11.74
C ARG D 378 10.24 8.51 11.26
N ARG D 379 9.43 8.30 10.22
CA ARG D 379 8.59 9.38 9.73
C ARG D 379 7.56 9.79 10.78
N GLU D 380 6.95 8.82 11.46
CA GLU D 380 6.00 9.16 12.51
C GLU D 380 6.68 9.92 13.65
N ILE D 381 7.90 9.49 14.00
CA ILE D 381 8.66 10.16 15.05
C ILE D 381 8.91 11.60 14.67
N ARG D 382 9.36 11.84 13.44
CA ARG D 382 9.67 13.20 13.02
C ARG D 382 8.40 14.04 12.91
N VAL D 383 7.28 13.42 12.59
CA VAL D 383 6.00 14.13 12.60
C VAL D 383 5.71 14.66 14.00
N ILE D 384 5.76 13.77 15.01
CA ILE D 384 5.45 14.23 16.36
C ILE D 384 6.52 15.20 16.85
N ALA D 385 7.75 15.05 16.39
CA ALA D 385 8.81 15.98 16.77
C ALA D 385 8.58 17.35 16.17
N VAL D 386 7.94 17.42 15.01
CA VAL D 386 7.49 18.69 14.47
C VAL D 386 6.38 19.25 15.34
N GLU D 387 5.38 18.42 15.67
CA GLU D 387 4.29 18.88 16.52
C GLU D 387 4.80 19.29 17.90
N TYR D 388 5.64 18.45 18.50
CA TYR D 388 6.23 18.72 19.80
C TYR D 388 7.59 19.40 19.59
N ASP D 389 8.42 19.43 20.63
CA ASP D 389 9.76 20.00 20.49
C ASP D 389 10.62 19.15 19.55
N VAL D 390 11.34 19.84 18.68
CA VAL D 390 12.24 19.25 17.69
C VAL D 390 13.59 18.90 18.32
N ASP D 391 14.48 18.32 17.52
CA ASP D 391 15.85 18.02 17.95
C ASP D 391 15.88 16.91 19.00
N TRP D 392 15.52 15.70 18.59
CA TRP D 392 15.40 14.55 19.47
C TRP D 392 16.63 13.64 19.44
N ASP D 393 17.61 13.92 18.58
CA ASP D 393 18.94 13.31 18.67
C ASP D 393 18.87 11.78 18.54
N GLU D 394 18.51 11.34 17.33
CA GLU D 394 18.39 9.93 17.04
C GLU D 394 19.63 9.14 17.47
N THR D 395 20.81 9.70 17.22
CA THR D 395 22.04 9.02 17.62
C THR D 395 22.12 8.87 19.14
N ARG D 396 21.49 9.78 19.89
CA ARG D 396 21.44 9.63 21.33
C ARG D 396 20.55 8.48 21.77
N ASP D 397 19.66 8.01 20.90
CA ASP D 397 18.76 6.90 21.20
C ASP D 397 19.26 5.61 20.55
CA CA E . 41.09 -11.64 -43.74
#